data_6B79
# 
_entry.id   6B79 
# 
_audit_conform.dict_name       mmcif_pdbx.dic 
_audit_conform.dict_version    5.381 
_audit_conform.dict_location   http://mmcif.pdb.org/dictionaries/ascii/mmcif_pdbx.dic 
# 
loop_
_database_2.database_id 
_database_2.database_code 
_database_2.pdbx_database_accession 
_database_2.pdbx_DOI 
PDB   6B79         pdb_00006b79 10.2210/pdb6b79/pdb 
WWPDB D_1000230391 ?            ?                   
# 
_pdbx_database_status.status_code                     REL 
_pdbx_database_status.status_code_sf                  REL 
_pdbx_database_status.status_code_mr                  ? 
_pdbx_database_status.entry_id                        6B79 
_pdbx_database_status.recvd_initial_deposition_date   2017-10-03 
_pdbx_database_status.SG_entry                        N 
_pdbx_database_status.deposit_site                    RCSB 
_pdbx_database_status.process_site                    RCSB 
_pdbx_database_status.status_code_cs                  ? 
_pdbx_database_status.methods_development_category    ? 
_pdbx_database_status.pdb_format_compatible           Y 
_pdbx_database_status.status_code_nmr_data            ? 
# 
loop_
_audit_author.name 
_audit_author.pdbx_ordinal 
_audit_author.identifier_ORCID 
'Sangwan, S.'     1 ? 
'Sawaya, M.R.'    2 ? 
'Eisenberg, D.S.' 3 ? 
# 
_citation.abstract                  ? 
_citation.abstract_id_CAS           ? 
_citation.book_id_ISBN              ? 
_citation.book_publisher            ? 
_citation.book_publisher_city       ? 
_citation.book_title                ? 
_citation.coordinate_linkage        ? 
_citation.country                   US 
_citation.database_id_Medline       ? 
_citation.details                   ? 
_citation.id                        primary 
_citation.journal_abbrev            'Protein Sci.' 
_citation.journal_id_ASTM           PRCIEI 
_citation.journal_id_CSD            0795 
_citation.journal_id_ISSN           1469-896X 
_citation.journal_full              ? 
_citation.journal_issue             ? 
_citation.journal_volume            27 
_citation.language                  ? 
_citation.page_first                1231 
_citation.page_last                 1242 
_citation.title                     'Atomic structures of corkscrew-forming segments of SOD1 reveal varied oligomer conformations.' 
_citation.year                      2018 
_citation.database_id_CSD           ? 
_citation.pdbx_database_id_DOI      10.1002/pro.3391 
_citation.pdbx_database_id_PubMed   29453800 
_citation.unpublished_flag          ? 
# 
loop_
_citation_author.citation_id 
_citation_author.name 
_citation_author.ordinal 
_citation_author.identifier_ORCID 
primary 'Sangwan, S.'     1 ? 
primary 'Sawaya, M.R.'    2 ? 
primary 'Murray, K.A.'    3 ? 
primary 'Hughes, M.P.'    4 ? 
primary 'Eisenberg, D.S.' 5 ? 
# 
_cell.angle_alpha                  90.000 
_cell.angle_alpha_esd              ? 
_cell.angle_beta                   127.320 
_cell.angle_beta_esd               ? 
_cell.angle_gamma                  90.000 
_cell.angle_gamma_esd              ? 
_cell.entry_id                     6B79 
_cell.details                      ? 
_cell.formula_units_Z              ? 
_cell.length_a                     56.940 
_cell.length_a_esd                 ? 
_cell.length_b                     11.640 
_cell.length_b_esd                 ? 
_cell.length_c                     44.930 
_cell.length_c_esd                 ? 
_cell.volume                       ? 
_cell.volume_esd                   ? 
_cell.Z_PDB                        8 
_cell.reciprocal_angle_alpha       ? 
_cell.reciprocal_angle_beta        ? 
_cell.reciprocal_angle_gamma       ? 
_cell.reciprocal_angle_alpha_esd   ? 
_cell.reciprocal_angle_beta_esd    ? 
_cell.reciprocal_angle_gamma_esd   ? 
_cell.reciprocal_length_a          ? 
_cell.reciprocal_length_b          ? 
_cell.reciprocal_length_c          ? 
_cell.reciprocal_length_a_esd      ? 
_cell.reciprocal_length_b_esd      ? 
_cell.reciprocal_length_c_esd      ? 
_cell.pdbx_unique_axis             ? 
# 
_symmetry.entry_id                         6B79 
_symmetry.cell_setting                     ? 
_symmetry.Int_Tables_number                5 
_symmetry.space_group_name_Hall            ? 
_symmetry.space_group_name_H-M             'C 1 2 1' 
_symmetry.pdbx_full_space_group_name_H-M   ? 
# 
loop_
_entity.id 
_entity.type 
_entity.src_method 
_entity.pdbx_description 
_entity.formula_weight 
_entity.pdbx_number_of_molecules 
_entity.pdbx_ec 
_entity.pdbx_mutation 
_entity.pdbx_fragment 
_entity.details 
1 polymer     syn 'Superoxide dismutase [Cu-Zn]'                                    1394.546 2  1.15.1.1 ? ? ? 
2 non-polymer syn '7-hydroxy-8-[(E)-phenyldiazenyl]naphthalene-1,3-disulfonic acid' 408.406  1  ?        ? ? ? 
3 water       nat water                                                             18.015   16 ?        ? ? ? 
# 
_entity_name_com.entity_id   1 
_entity_name_com.name        'Superoxide dismutase 1,hSod1' 
# 
_entity_poly.entity_id                      1 
_entity_poly.type                           'polypeptide(L)' 
_entity_poly.nstd_linkage                   no 
_entity_poly.nstd_monomer                   yes 
_entity_poly.pdbx_seq_one_letter_code       'K(A8E)KVWGSIKRL' 
_entity_poly.pdbx_seq_one_letter_code_can   KXKVWGSIKRL 
_entity_poly.pdbx_strand_id                 A,B 
_entity_poly.pdbx_target_identifier         ? 
# 
loop_
_entity_poly_seq.entity_id 
_entity_poly_seq.num 
_entity_poly_seq.mon_id 
_entity_poly_seq.hetero 
1 1  LYS n 
1 2  A8E n 
1 3  LYS n 
1 4  VAL n 
1 5  TRP n 
1 6  GLY n 
1 7  SER n 
1 8  ILE n 
1 9  LYS n 
1 10 ARG n 
1 11 LEU n 
# 
_pdbx_entity_src_syn.entity_id              1 
_pdbx_entity_src_syn.pdbx_src_id            1 
_pdbx_entity_src_syn.pdbx_alt_source_flag   sample 
_pdbx_entity_src_syn.pdbx_beg_seq_num       1 
_pdbx_entity_src_syn.pdbx_end_seq_num       11 
_pdbx_entity_src_syn.organism_scientific    'Homo sapiens' 
_pdbx_entity_src_syn.organism_common_name   Human 
_pdbx_entity_src_syn.ncbi_taxonomy_id       9606 
_pdbx_entity_src_syn.details                ? 
# 
_struct_ref.id                         1 
_struct_ref.db_name                    UNP 
_struct_ref.db_code                    SODC_HUMAN 
_struct_ref.pdbx_db_accession          P00441 
_struct_ref.pdbx_db_isoform            ? 
_struct_ref.entity_id                  1 
_struct_ref.pdbx_seq_one_letter_code   PVKVWGSIKGL 
_struct_ref.pdbx_align_begin           29 
# 
loop_
_struct_ref_seq.align_id 
_struct_ref_seq.ref_id 
_struct_ref_seq.pdbx_PDB_id_code 
_struct_ref_seq.pdbx_strand_id 
_struct_ref_seq.seq_align_beg 
_struct_ref_seq.pdbx_seq_align_beg_ins_code 
_struct_ref_seq.seq_align_end 
_struct_ref_seq.pdbx_seq_align_end_ins_code 
_struct_ref_seq.pdbx_db_accession 
_struct_ref_seq.db_align_beg 
_struct_ref_seq.pdbx_db_align_beg_ins_code 
_struct_ref_seq.db_align_end 
_struct_ref_seq.pdbx_db_align_end_ins_code 
_struct_ref_seq.pdbx_auth_seq_align_beg 
_struct_ref_seq.pdbx_auth_seq_align_end 
1 1 6B79 A 1 ? 11 ? P00441 29 ? 39 ? 1 11 
2 1 6B79 B 1 ? 11 ? P00441 29 ? 39 ? 1 11 
# 
loop_
_struct_ref_seq_dif.align_id 
_struct_ref_seq_dif.pdbx_pdb_id_code 
_struct_ref_seq_dif.mon_id 
_struct_ref_seq_dif.pdbx_pdb_strand_id 
_struct_ref_seq_dif.seq_num 
_struct_ref_seq_dif.pdbx_pdb_ins_code 
_struct_ref_seq_dif.pdbx_seq_db_name 
_struct_ref_seq_dif.pdbx_seq_db_accession_code 
_struct_ref_seq_dif.db_mon_id 
_struct_ref_seq_dif.pdbx_seq_db_seq_num 
_struct_ref_seq_dif.details 
_struct_ref_seq_dif.pdbx_auth_seq_num 
_struct_ref_seq_dif.pdbx_ordinal 
1 6B79 LYS A 1  ? UNP P00441 PRO 29 conflict              1  1 
1 6B79 ARG A 10 ? UNP P00441 GLY 38 'engineered mutation' 10 2 
2 6B79 LYS B 1  ? UNP P00441 PRO 29 conflict              1  3 
2 6B79 ARG B 10 ? UNP P00441 GLY 38 'engineered mutation' 10 4 
# 
loop_
_chem_comp.id 
_chem_comp.type 
_chem_comp.mon_nstd_flag 
_chem_comp.name 
_chem_comp.pdbx_synonyms 
_chem_comp.formula 
_chem_comp.formula_weight 
A8E 'L-peptide linking' n '(2S)-2-amino-4-bromopent-4-enoic acid'                           ?          'C5 H8 Br N O2'    194.027 
ARG 'L-peptide linking' y ARGININE                                                          ?          'C6 H15 N4 O2 1'   175.209 
GLY 'peptide linking'   y GLYCINE                                                           ?          'C2 H5 N O2'       75.067  
HOH non-polymer         . WATER                                                             ?          'H2 O'             18.015  
ILE 'L-peptide linking' y ISOLEUCINE                                                        ?          'C6 H13 N O2'      131.173 
LEU 'L-peptide linking' y LEUCINE                                                           ?          'C6 H13 N O2'      131.173 
LYS 'L-peptide linking' y LYSINE                                                            ?          'C6 H15 N2 O2 1'   147.195 
ORA non-polymer         . '7-hydroxy-8-[(E)-phenyldiazenyl]naphthalene-1,3-disulfonic acid' 'Orange G' 'C16 H12 N2 O7 S2' 408.406 
PRO 'L-peptide linking' y PROLINE                                                           ?          'C5 H9 N O2'       115.130 
SER 'L-peptide linking' y SERINE                                                            ?          'C3 H7 N O3'       105.093 
TRP 'L-peptide linking' y TRYPTOPHAN                                                        ?          'C11 H12 N2 O2'    204.225 
VAL 'L-peptide linking' y VALINE                                                            ?          'C5 H11 N O2'      117.146 
# 
_exptl.absorpt_coefficient_mu     ? 
_exptl.absorpt_correction_T_max   ? 
_exptl.absorpt_correction_T_min   ? 
_exptl.absorpt_correction_type    ? 
_exptl.absorpt_process_details    ? 
_exptl.entry_id                   6B79 
_exptl.crystals_number            1 
_exptl.details                    ? 
_exptl.method                     'X-RAY DIFFRACTION' 
_exptl.method_details             ? 
# 
_exptl_crystal.colour                      ? 
_exptl_crystal.density_diffrn              ? 
_exptl_crystal.density_Matthews            2.12 
_exptl_crystal.density_method              ? 
_exptl_crystal.density_percent_sol         42.06 
_exptl_crystal.description                 ? 
_exptl_crystal.F_000                       ? 
_exptl_crystal.id                          1 
_exptl_crystal.preparation                 ? 
_exptl_crystal.size_max                    ? 
_exptl_crystal.size_mid                    ? 
_exptl_crystal.size_min                    ? 
_exptl_crystal.size_rad                    ? 
_exptl_crystal.colour_lustre               ? 
_exptl_crystal.colour_modifier             ? 
_exptl_crystal.colour_primary              ? 
_exptl_crystal.density_meas                ? 
_exptl_crystal.density_meas_esd            ? 
_exptl_crystal.density_meas_gt             ? 
_exptl_crystal.density_meas_lt             ? 
_exptl_crystal.density_meas_temp           ? 
_exptl_crystal.density_meas_temp_esd       ? 
_exptl_crystal.density_meas_temp_gt        ? 
_exptl_crystal.density_meas_temp_lt        ? 
_exptl_crystal.pdbx_crystal_image_url      ? 
_exptl_crystal.pdbx_crystal_image_format   ? 
_exptl_crystal.pdbx_mosaicity              ? 
_exptl_crystal.pdbx_mosaicity_esd          ? 
# 
_exptl_crystal_grow.apparatus       ? 
_exptl_crystal_grow.atmosphere      ? 
_exptl_crystal_grow.crystal_id      1 
_exptl_crystal_grow.details         ? 
_exptl_crystal_grow.method          'VAPOR DIFFUSION, HANGING DROP' 
_exptl_crystal_grow.method_ref      ? 
_exptl_crystal_grow.pH              7.5 
_exptl_crystal_grow.pressure        ? 
_exptl_crystal_grow.pressure_esd    ? 
_exptl_crystal_grow.seeding         ? 
_exptl_crystal_grow.seeding_ref     ? 
_exptl_crystal_grow.temp            298 
_exptl_crystal_grow.temp_details    ? 
_exptl_crystal_grow.temp_esd        ? 
_exptl_crystal_grow.time            ? 
_exptl_crystal_grow.pdbx_details    'HEPES pH 7.5, Sodium citrate, 2-Methyl-2,4-pentanediol' 
_exptl_crystal_grow.pdbx_pH_range   ? 
# 
_diffrn.ambient_environment    ? 
_diffrn.ambient_temp           100 
_diffrn.ambient_temp_details   ? 
_diffrn.ambient_temp_esd       ? 
_diffrn.crystal_id             1 
_diffrn.crystal_support        ? 
_diffrn.crystal_treatment      ? 
_diffrn.details                ? 
_diffrn.id                     1 
_diffrn.ambient_pressure       ? 
_diffrn.ambient_pressure_esd   ? 
_diffrn.ambient_pressure_gt    ? 
_diffrn.ambient_pressure_lt    ? 
_diffrn.ambient_temp_gt        ? 
_diffrn.ambient_temp_lt        ? 
# 
_diffrn_detector.details                      ? 
_diffrn_detector.detector                     CCD 
_diffrn_detector.diffrn_id                    1 
_diffrn_detector.type                         'ADSC QUANTUM 315' 
_diffrn_detector.area_resol_mean              ? 
_diffrn_detector.dtime                        ? 
_diffrn_detector.pdbx_frames_total            ? 
_diffrn_detector.pdbx_collection_time_total   ? 
_diffrn_detector.pdbx_collection_date         2014-04-03 
# 
_diffrn_radiation.collimation                      ? 
_diffrn_radiation.diffrn_id                        1 
_diffrn_radiation.filter_edge                      ? 
_diffrn_radiation.inhomogeneity                    ? 
_diffrn_radiation.monochromator                    ? 
_diffrn_radiation.polarisn_norm                    ? 
_diffrn_radiation.polarisn_ratio                   ? 
_diffrn_radiation.probe                            ? 
_diffrn_radiation.type                             ? 
_diffrn_radiation.xray_symbol                      ? 
_diffrn_radiation.wavelength_id                    1 
_diffrn_radiation.pdbx_monochromatic_or_laue_m_l   M 
_diffrn_radiation.pdbx_wavelength_list             ? 
_diffrn_radiation.pdbx_wavelength                  ? 
_diffrn_radiation.pdbx_diffrn_protocol             'SINGLE WAVELENGTH' 
_diffrn_radiation.pdbx_analyzer                    ? 
_diffrn_radiation.pdbx_scattering_type             x-ray 
# 
_diffrn_radiation_wavelength.id           1 
_diffrn_radiation_wavelength.wavelength   0.9792 
_diffrn_radiation_wavelength.wt           1.0 
# 
_diffrn_source.current                     ? 
_diffrn_source.details                     ? 
_diffrn_source.diffrn_id                   1 
_diffrn_source.power                       ? 
_diffrn_source.size                        ? 
_diffrn_source.source                      SYNCHROTRON 
_diffrn_source.target                      ? 
_diffrn_source.type                        'APS BEAMLINE 24-ID-E' 
_diffrn_source.voltage                     ? 
_diffrn_source.take-off_angle              ? 
_diffrn_source.pdbx_wavelength_list        0.9792 
_diffrn_source.pdbx_wavelength             ? 
_diffrn_source.pdbx_synchrotron_beamline   24-ID-E 
_diffrn_source.pdbx_synchrotron_site       APS 
# 
_reflns.B_iso_Wilson_estimate            28.250 
_reflns.entry_id                         6B79 
_reflns.data_reduction_details           ? 
_reflns.data_reduction_method            ? 
_reflns.d_resolution_high                1.800 
_reflns.d_resolution_low                 35.730 
_reflns.details                          ? 
_reflns.limit_h_max                      ? 
_reflns.limit_h_min                      ? 
_reflns.limit_k_max                      ? 
_reflns.limit_k_min                      ? 
_reflns.limit_l_max                      ? 
_reflns.limit_l_min                      ? 
_reflns.number_all                       ? 
_reflns.number_obs                       2330 
_reflns.observed_criterion               ? 
_reflns.observed_criterion_F_max         ? 
_reflns.observed_criterion_F_min         ? 
_reflns.observed_criterion_I_max         ? 
_reflns.observed_criterion_I_min         ? 
_reflns.observed_criterion_sigma_F       ? 
_reflns.observed_criterion_sigma_I       -3.000 
_reflns.percent_possible_obs             96.600 
_reflns.R_free_details                   ? 
_reflns.Rmerge_F_all                     ? 
_reflns.Rmerge_F_obs                     ? 
_reflns.Friedel_coverage                 ? 
_reflns.number_gt                        ? 
_reflns.threshold_expression             ? 
_reflns.pdbx_redundancy                  3.088 
_reflns.pdbx_Rmerge_I_obs                0.175 
_reflns.pdbx_Rmerge_I_all                ? 
_reflns.pdbx_Rsym_value                  ? 
_reflns.pdbx_netI_over_av_sigmaI         ? 
_reflns.pdbx_netI_over_sigmaI            4.060 
_reflns.pdbx_res_netI_over_av_sigmaI_2   ? 
_reflns.pdbx_res_netI_over_sigmaI_2      ? 
_reflns.pdbx_chi_squared                 0.889 
_reflns.pdbx_scaling_rejects             0 
_reflns.pdbx_d_res_high_opt              ? 
_reflns.pdbx_d_res_low_opt               ? 
_reflns.pdbx_d_res_opt_method            ? 
_reflns.phase_calculation_details        ? 
_reflns.pdbx_Rrim_I_all                  0.211 
_reflns.pdbx_Rpim_I_all                  ? 
_reflns.pdbx_d_opt                       ? 
_reflns.pdbx_number_measured_all         7194 
_reflns.pdbx_diffrn_id                   1 
_reflns.pdbx_ordinal                     1 
_reflns.pdbx_CC_half                     0.981 
_reflns.pdbx_R_split                     ? 
# 
loop_
_reflns_shell.d_res_high 
_reflns_shell.d_res_low 
_reflns_shell.meanI_over_sigI_all 
_reflns_shell.meanI_over_sigI_obs 
_reflns_shell.number_measured_all 
_reflns_shell.number_measured_obs 
_reflns_shell.number_possible 
_reflns_shell.number_unique_all 
_reflns_shell.number_unique_obs 
_reflns_shell.percent_possible_all 
_reflns_shell.percent_possible_obs 
_reflns_shell.Rmerge_F_all 
_reflns_shell.Rmerge_F_obs 
_reflns_shell.Rmerge_I_all 
_reflns_shell.Rmerge_I_obs 
_reflns_shell.meanI_over_sigI_gt 
_reflns_shell.meanI_over_uI_all 
_reflns_shell.meanI_over_uI_gt 
_reflns_shell.number_measured_gt 
_reflns_shell.number_unique_gt 
_reflns_shell.percent_possible_gt 
_reflns_shell.Rmerge_F_gt 
_reflns_shell.Rmerge_I_gt 
_reflns_shell.pdbx_redundancy 
_reflns_shell.pdbx_Rsym_value 
_reflns_shell.pdbx_chi_squared 
_reflns_shell.pdbx_netI_over_sigmaI_all 
_reflns_shell.pdbx_netI_over_sigmaI_obs 
_reflns_shell.pdbx_Rrim_I_all 
_reflns_shell.pdbx_Rpim_I_all 
_reflns_shell.pdbx_rejects 
_reflns_shell.pdbx_ordinal 
_reflns_shell.pdbx_diffrn_id 
_reflns_shell.pdbx_CC_half 
_reflns_shell.pdbx_R_split 
1.800 1.840  ? 0.480 ? ? ? ? 129 74.100  ? ? ? ? 1.579 ? ? ? ? ? ? ? ? 2.403 ? ? ? ? 1.979 ? ? 1  1 0.215 ? 
1.840 1.890  ? 0.960 ? ? ? ? 158 94.000  ? ? ? ? 0.874 ? ? ? ? ? ? ? ? 2.589 ? ? ? ? 1.090 ? ? 2  1 0.463 ? 
1.890 1.950  ? 1.320 ? ? ? ? 179 98.900  ? ? ? ? 0.804 ? ? ? ? ? ? ? ? 2.855 ? ? ? ? 0.986 ? ? 3  1 0.586 ? 
1.950 2.010  ? 1.700 ? ? ? ? 146 98.600  ? ? ? ? 0.600 ? ? ? ? ? ? ? ? 3.158 ? ? ? ? 0.727 ? ? 4  1 0.707 ? 
2.010 2.070  ? 2.030 ? ? ? ? 146 100.000 ? ? ? ? 0.568 ? ? ? ? ? ? ? ? 3.356 ? ? ? ? 0.678 ? ? 5  1 0.605 ? 
2.070 2.150  ? 2.300 ? ? ? ? 145 99.300  ? ? ? ? 0.482 ? ? ? ? ? ? ? ? 3.262 ? ? ? ? 0.581 ? ? 6  1 0.742 ? 
2.150 2.230  ? 2.870 ? ? ? ? 153 99.400  ? ? ? ? 0.408 ? ? ? ? ? ? ? ? 3.340 ? ? ? ? 0.488 ? ? 7  1 0.842 ? 
2.230 2.320  ? 3.600 ? ? ? ? 140 100.000 ? ? ? ? 0.291 ? ? ? ? ? ? ? ? 3.221 ? ? ? ? 0.352 ? ? 8  1 0.879 ? 
2.320 2.420  ? 3.650 ? ? ? ? 135 97.100  ? ? ? ? 0.303 ? ? ? ? ? ? ? ? 3.311 ? ? ? ? 0.365 ? ? 9  1 0.873 ? 
2.420 2.540  ? 4.070 ? ? ? ? 122 100.000 ? ? ? ? 0.236 ? ? ? ? ? ? ? ? 3.295 ? ? ? ? 0.284 ? ? 10 1 0.952 ? 
2.540 2.680  ? 3.920 ? ? ? ? 121 100.000 ? ? ? ? 0.264 ? ? ? ? ? ? ? ? 3.240 ? ? ? ? 0.322 ? ? 11 1 0.935 ? 
2.680 2.840  ? 4.990 ? ? ? ? 126 100.00  ? ? ? ? 0.205 ? ? ? ? ? ? ? ? 3.246 ? ? ? ? 0.247 ? ? 12 1 0.937 ? 
2.840 3.040  ? 6.380 ? ? ? ? 107 95.500  ? ? ? ? 0.129 ? ? ? ? ? ? ? ? 3.280 ? ? ? ? 0.154 ? ? 13 1 0.989 ? 
3.040 3.280  ? 7.560 ? ? ? ? 99  99.000  ? ? ? ? 0.104 ? ? ? ? ? ? ? ? 3.040 ? ? ? ? 0.128 ? ? 14 1 0.983 ? 
3.280 3.590  ? 7.850 ? ? ? ? 102 98.100  ? ? ? ? 0.121 ? ? ? ? ? ? ? ? 3.196 ? ? ? ? 0.145 ? ? 15 1 0.980 ? 
3.590 4.020  ? 8.540 ? ? ? ? 85  97.700  ? ? ? ? 0.099 ? ? ? ? ? ? ? ? 3.129 ? ? ? ? 0.117 ? ? 16 1 0.980 ? 
4.020 4.640  ? 9.220 ? ? ? ? 74  97.400  ? ? ? ? 0.091 ? ? ? ? ? ? ? ? 3.054 ? ? ? ? 0.108 ? ? 17 1 0.977 ? 
4.640 5.680  ? 8.930 ? ? ? ? 77  98.700  ? ? ? ? 0.126 ? ? ? ? ? ? ? ? 3.000 ? ? ? ? 0.151 ? ? 18 1 0.967 ? 
5.680 8.030  ? 8.780 ? ? ? ? 47  95.900  ? ? ? ? 0.086 ? ? ? ? ? ? ? ? 2.702 ? ? ? ? 0.103 ? ? 19 1 0.990 ? 
8.030 35.730 ? 9.080 ? ? ? ? 39  95.100  ? ? ? ? 0.068 ? ? ? ? ? ? ? ? 2.564 ? ? ? ? 0.091 ? ? 20 1 0.982 ? 
# 
_refine.aniso_B[1][1]                            -5.9875 
_refine.aniso_B[1][2]                            0.0000 
_refine.aniso_B[1][3]                            7.2771 
_refine.aniso_B[2][2]                            7.0883 
_refine.aniso_B[2][3]                            0.0000 
_refine.aniso_B[3][3]                            -1.1008 
_refine.B_iso_max                                88.550 
_refine.B_iso_mean                               30.0800 
_refine.B_iso_min                                14.800 
_refine.correlation_coeff_Fo_to_Fc               0.9087 
_refine.correlation_coeff_Fo_to_Fc_free          0.9164 
_refine.details                                  ? 
_refine.diff_density_max                         ? 
_refine.diff_density_max_esd                     ? 
_refine.diff_density_min                         ? 
_refine.diff_density_min_esd                     ? 
_refine.diff_density_rms                         ? 
_refine.diff_density_rms_esd                     ? 
_refine.entry_id                                 6B79 
_refine.pdbx_refine_id                           'X-RAY DIFFRACTION' 
_refine.ls_abs_structure_details                 ? 
_refine.ls_abs_structure_Flack                   ? 
_refine.ls_abs_structure_Flack_esd               ? 
_refine.ls_abs_structure_Rogers                  ? 
_refine.ls_abs_structure_Rogers_esd              ? 
_refine.ls_d_res_high                            1.8000 
_refine.ls_d_res_low                             35.7300 
_refine.ls_extinction_coef                       ? 
_refine.ls_extinction_coef_esd                   ? 
_refine.ls_extinction_expression                 ? 
_refine.ls_extinction_method                     ? 
_refine.ls_goodness_of_fit_all                   ? 
_refine.ls_goodness_of_fit_all_esd               ? 
_refine.ls_goodness_of_fit_obs                   ? 
_refine.ls_goodness_of_fit_obs_esd               ? 
_refine.ls_hydrogen_treatment                    ? 
_refine.ls_matrix_type                           ? 
_refine.ls_number_constraints                    ? 
_refine.ls_number_parameters                     ? 
_refine.ls_number_reflns_all                     ? 
_refine.ls_number_reflns_obs                     2327 
_refine.ls_number_reflns_R_free                  223 
_refine.ls_number_reflns_R_work                  ? 
_refine.ls_number_restraints                     ? 
_refine.ls_percent_reflns_obs                    97.9000 
_refine.ls_percent_reflns_R_free                 9.5800 
_refine.ls_R_factor_all                          ? 
_refine.ls_R_factor_obs                          0.2337 
_refine.ls_R_factor_R_free                       0.2670 
_refine.ls_R_factor_R_free_error                 ? 
_refine.ls_R_factor_R_free_error_details         ? 
_refine.ls_R_factor_R_work                       0.2303 
_refine.ls_R_Fsqd_factor_obs                     ? 
_refine.ls_R_I_factor_obs                        ? 
_refine.ls_redundancy_reflns_all                 ? 
_refine.ls_redundancy_reflns_obs                 ? 
_refine.ls_restrained_S_all                      ? 
_refine.ls_restrained_S_obs                      ? 
_refine.ls_shift_over_esd_max                    ? 
_refine.ls_shift_over_esd_mean                   ? 
_refine.ls_structure_factor_coef                 ? 
_refine.ls_weighting_details                     ? 
_refine.ls_weighting_scheme                      ? 
_refine.ls_wR_factor_all                         ? 
_refine.ls_wR_factor_obs                         ? 
_refine.ls_wR_factor_R_free                      ? 
_refine.ls_wR_factor_R_work                      ? 
_refine.occupancy_max                            ? 
_refine.occupancy_min                            ? 
_refine.solvent_model_details                    ? 
_refine.solvent_model_param_bsol                 ? 
_refine.solvent_model_param_ksol                 ? 
_refine.ls_R_factor_gt                           ? 
_refine.ls_goodness_of_fit_gt                    ? 
_refine.ls_goodness_of_fit_ref                   ? 
_refine.ls_shift_over_su_max                     ? 
_refine.ls_shift_over_su_max_lt                  ? 
_refine.ls_shift_over_su_mean                    ? 
_refine.ls_shift_over_su_mean_lt                 ? 
_refine.pdbx_ls_sigma_I                          ? 
_refine.pdbx_ls_sigma_F                          0.000 
_refine.pdbx_ls_sigma_Fsqd                       ? 
_refine.pdbx_data_cutoff_high_absF               ? 
_refine.pdbx_data_cutoff_high_rms_absF           ? 
_refine.pdbx_data_cutoff_low_absF                ? 
_refine.pdbx_isotropic_thermal_model             ? 
_refine.pdbx_ls_cross_valid_method               THROUGHOUT 
_refine.pdbx_method_to_determine_struct          'MOLECULAR REPLACEMENT' 
_refine.pdbx_starting_model                      5DLI 
_refine.pdbx_stereochemistry_target_values       ? 
_refine.pdbx_R_Free_selection_details            RANDOM 
_refine.pdbx_stereochem_target_val_spec_case     ? 
_refine.pdbx_overall_ESU_R                       ? 
_refine.pdbx_overall_ESU_R_Free                  ? 
_refine.pdbx_solvent_vdw_probe_radii             ? 
_refine.pdbx_solvent_ion_probe_radii             ? 
_refine.pdbx_solvent_shrinkage_radii             ? 
_refine.pdbx_real_space_R                        ? 
_refine.pdbx_density_correlation                 ? 
_refine.pdbx_pd_number_of_powder_patterns        ? 
_refine.pdbx_pd_number_of_points                 ? 
_refine.pdbx_pd_meas_number_of_points            ? 
_refine.pdbx_pd_proc_ls_prof_R_factor            ? 
_refine.pdbx_pd_proc_ls_prof_wR_factor           ? 
_refine.pdbx_pd_Marquardt_correlation_coeff      ? 
_refine.pdbx_pd_Fsqrd_R_factor                   ? 
_refine.pdbx_pd_ls_matrix_band_width             ? 
_refine.pdbx_overall_phase_error                 ? 
_refine.pdbx_overall_SU_R_free_Cruickshank_DPI   0.1510 
_refine.pdbx_overall_SU_R_free_Blow_DPI          0.1580 
_refine.pdbx_overall_SU_R_Blow_DPI               0.1830 
_refine.pdbx_TLS_residual_ADP_flag               ? 
_refine.pdbx_diffrn_id                           1 
_refine.overall_SU_B                             ? 
_refine.overall_SU_ML                            ? 
_refine.overall_SU_R_Cruickshank_DPI             0.1680 
_refine.overall_SU_R_free                        ? 
_refine.overall_FOM_free_R_set                   ? 
_refine.overall_FOM_work_R_set                   ? 
_refine.pdbx_average_fsc_overall                 ? 
_refine.pdbx_average_fsc_work                    ? 
_refine.pdbx_average_fsc_free                    ? 
# 
_refine_analyze.entry_id                        6B79 
_refine_analyze.pdbx_refine_id                  'X-RAY DIFFRACTION' 
_refine_analyze.Luzzati_coordinate_error_free   ? 
_refine_analyze.Luzzati_coordinate_error_obs    0.298 
_refine_analyze.Luzzati_d_res_low_free          ? 
_refine_analyze.Luzzati_d_res_low_obs           ? 
_refine_analyze.Luzzati_sigma_a_free            ? 
_refine_analyze.Luzzati_sigma_a_free_details    ? 
_refine_analyze.Luzzati_sigma_a_obs             ? 
_refine_analyze.Luzzati_sigma_a_obs_details     ? 
_refine_analyze.number_disordered_residues      ? 
_refine_analyze.occupancy_sum_hydrogen          ? 
_refine_analyze.occupancy_sum_non_hydrogen      ? 
_refine_analyze.RG_d_res_high                   ? 
_refine_analyze.RG_d_res_low                    ? 
_refine_analyze.RG_free                         ? 
_refine_analyze.RG_work                         ? 
_refine_analyze.RG_free_work_ratio              ? 
_refine_analyze.pdbx_Luzzati_d_res_high_obs     ? 
# 
_refine_hist.cycle_id                         final 
_refine_hist.pdbx_refine_id                   'X-RAY DIFFRACTION' 
_refine_hist.d_res_high                       1.8000 
_refine_hist.d_res_low                        35.7300 
_refine_hist.pdbx_number_atoms_ligand         27 
_refine_hist.number_atoms_solvent             16 
_refine_hist.number_atoms_total               231 
_refine_hist.pdbx_number_residues_total       22 
_refine_hist.pdbx_B_iso_mean_ligand           24.65 
_refine_hist.pdbx_B_iso_mean_solvent          35.77 
_refine_hist.pdbx_number_atoms_protein        188 
_refine_hist.pdbx_number_atoms_nucleic_acid   0 
# 
loop_
_refine_ls_restr.pdbx_refine_id 
_refine_ls_restr.criterion 
_refine_ls_restr.dev_ideal 
_refine_ls_restr.dev_ideal_target 
_refine_ls_restr.number 
_refine_ls_restr.rejects 
_refine_ls_restr.type 
_refine_ls_restr.weight 
_refine_ls_restr.pdbx_restraint_function 
'X-RAY DIFFRACTION' ? ?      ? 80  ? t_dihedral_angle_d        2.000  SINUSOIDAL   
'X-RAY DIFFRACTION' ? ?      ? 2   ? t_trig_c_planes           2.000  HARMONIC     
'X-RAY DIFFRACTION' ? ?      ? 29  ? t_gen_planes              5.000  HARMONIC     
'X-RAY DIFFRACTION' ? ?      ? 219 ? t_it                      20.000 HARMONIC     
'X-RAY DIFFRACTION' ? ?      ? ?   ? t_nbd                     ?      ?            
'X-RAY DIFFRACTION' ? ?      ? ?   ? t_improper_torsion        ?      ?            
'X-RAY DIFFRACTION' ? ?      ? ?   ? t_pseud_angle             ?      ?            
'X-RAY DIFFRACTION' ? ?      ? 22  ? t_chiral_improper_torsion 5.000  SEMIHARMONIC 
'X-RAY DIFFRACTION' ? ?      ? ?   ? t_sum_occupancies         ?      ?            
'X-RAY DIFFRACTION' ? ?      ? ?   ? t_utility_distance        ?      ?            
'X-RAY DIFFRACTION' ? ?      ? ?   ? t_utility_angle           ?      ?            
'X-RAY DIFFRACTION' ? ?      ? ?   ? t_utility_torsion         ?      ?            
'X-RAY DIFFRACTION' ? ?      ? 274 ? t_ideal_dist_contact      4.000  SEMIHARMONIC 
'X-RAY DIFFRACTION' ? 0.010  ? 219 ? t_bond_d                  2.000  HARMONIC     
'X-RAY DIFFRACTION' ? 1.250  ? 294 ? t_angle_deg               2.000  HARMONIC     
'X-RAY DIFFRACTION' ? 2.770  ? ?   ? t_omega_torsion           ?      ?            
'X-RAY DIFFRACTION' ? 17.030 ? ?   ? t_other_torsion           ?      ?            
# 
_refine_ls_shell.pdbx_refine_id                   'X-RAY DIFFRACTION' 
_refine_ls_shell.d_res_high                       1.8000 
_refine_ls_shell.d_res_low                        2.0100 
_refine_ls_shell.number_reflns_all                622 
_refine_ls_shell.number_reflns_obs                ? 
_refine_ls_shell.number_reflns_R_free             62 
_refine_ls_shell.number_reflns_R_work             560 
_refine_ls_shell.percent_reflns_obs               97.9000 
_refine_ls_shell.percent_reflns_R_free            9.9700 
_refine_ls_shell.R_factor_all                     0.2764 
_refine_ls_shell.R_factor_obs                     ? 
_refine_ls_shell.R_factor_R_free                  0.3159 
_refine_ls_shell.R_factor_R_free_error            0.0000 
_refine_ls_shell.R_factor_R_work                  0.2727 
_refine_ls_shell.redundancy_reflns_all            ? 
_refine_ls_shell.redundancy_reflns_obs            ? 
_refine_ls_shell.wR_factor_all                    ? 
_refine_ls_shell.wR_factor_obs                    ? 
_refine_ls_shell.wR_factor_R_free                 ? 
_refine_ls_shell.wR_factor_R_work                 ? 
_refine_ls_shell.pdbx_total_number_of_bins_used   5 
_refine_ls_shell.pdbx_phase_error                 ? 
_refine_ls_shell.pdbx_fsc_work                    ? 
_refine_ls_shell.pdbx_fsc_free                    ? 
# 
_struct.entry_id                     6B79 
_struct.title                        'Curved pair of sheets formed from SOD1 residues 28-38 with familial mutation G37R.' 
_struct.pdbx_model_details           'amyloid-related oligomer' 
_struct.pdbx_formula_weight          ? 
_struct.pdbx_formula_weight_method   ? 
_struct.pdbx_model_type_details      ? 
_struct.pdbx_CASP_flag               N 
# 
_struct_keywords.entry_id        6B79 
_struct_keywords.text            'amyloid fibril, PROTEIN FIBRIL' 
_struct_keywords.pdbx_keywords   'PROTEIN FIBRIL' 
# 
loop_
_struct_asym.id 
_struct_asym.pdbx_blank_PDB_chainid_flag 
_struct_asym.pdbx_modified 
_struct_asym.entity_id 
_struct_asym.details 
A N N 1 ? 
B N N 1 ? 
C N N 2 ? 
D N N 3 ? 
E N N 3 ? 
# 
loop_
_struct_conn.id 
_struct_conn.conn_type_id 
_struct_conn.pdbx_leaving_atom_flag 
_struct_conn.pdbx_PDB_id 
_struct_conn.ptnr1_label_asym_id 
_struct_conn.ptnr1_label_comp_id 
_struct_conn.ptnr1_label_seq_id 
_struct_conn.ptnr1_label_atom_id 
_struct_conn.pdbx_ptnr1_label_alt_id 
_struct_conn.pdbx_ptnr1_PDB_ins_code 
_struct_conn.pdbx_ptnr1_standard_comp_id 
_struct_conn.ptnr1_symmetry 
_struct_conn.ptnr2_label_asym_id 
_struct_conn.ptnr2_label_comp_id 
_struct_conn.ptnr2_label_seq_id 
_struct_conn.ptnr2_label_atom_id 
_struct_conn.pdbx_ptnr2_label_alt_id 
_struct_conn.pdbx_ptnr2_PDB_ins_code 
_struct_conn.ptnr1_auth_asym_id 
_struct_conn.ptnr1_auth_comp_id 
_struct_conn.ptnr1_auth_seq_id 
_struct_conn.ptnr2_auth_asym_id 
_struct_conn.ptnr2_auth_comp_id 
_struct_conn.ptnr2_auth_seq_id 
_struct_conn.ptnr2_symmetry 
_struct_conn.pdbx_ptnr3_label_atom_id 
_struct_conn.pdbx_ptnr3_label_seq_id 
_struct_conn.pdbx_ptnr3_label_comp_id 
_struct_conn.pdbx_ptnr3_label_asym_id 
_struct_conn.pdbx_ptnr3_label_alt_id 
_struct_conn.pdbx_ptnr3_PDB_ins_code 
_struct_conn.details 
_struct_conn.pdbx_dist_value 
_struct_conn.pdbx_value_order 
_struct_conn.pdbx_role 
covale1 covale both ? A LYS 1 C ? ? ? 1_555 A A8E 2 N ? ? A LYS 1 A A8E 2 1_555 ? ? ? ? ? ? ? 1.342 ? ? 
covale2 covale both ? A A8E 2 C ? ? ? 1_555 A LYS 3 N ? ? A A8E 2 A LYS 3 1_555 ? ? ? ? ? ? ? 1.348 ? ? 
covale3 covale both ? B LYS 1 C ? ? ? 1_555 B A8E 2 N ? ? B LYS 1 B A8E 2 1_555 ? ? ? ? ? ? ? 1.333 ? ? 
covale4 covale both ? B A8E 2 C ? ? ? 1_555 B LYS 3 N ? ? B A8E 2 B LYS 3 1_555 ? ? ? ? ? ? ? 1.339 ? ? 
# 
_struct_conn_type.id          covale 
_struct_conn_type.criteria    ? 
_struct_conn_type.reference   ? 
# 
_struct_sheet.id               AA1 
_struct_sheet.type             ? 
_struct_sheet.number_strands   2 
_struct_sheet.details          ? 
# 
_struct_sheet_order.sheet_id     AA1 
_struct_sheet_order.range_id_1   1 
_struct_sheet_order.range_id_2   2 
_struct_sheet_order.offset       ? 
_struct_sheet_order.sense        anti-parallel 
# 
loop_
_struct_sheet_range.sheet_id 
_struct_sheet_range.id 
_struct_sheet_range.beg_label_comp_id 
_struct_sheet_range.beg_label_asym_id 
_struct_sheet_range.beg_label_seq_id 
_struct_sheet_range.pdbx_beg_PDB_ins_code 
_struct_sheet_range.end_label_comp_id 
_struct_sheet_range.end_label_asym_id 
_struct_sheet_range.end_label_seq_id 
_struct_sheet_range.pdbx_end_PDB_ins_code 
_struct_sheet_range.beg_auth_comp_id 
_struct_sheet_range.beg_auth_asym_id 
_struct_sheet_range.beg_auth_seq_id 
_struct_sheet_range.end_auth_comp_id 
_struct_sheet_range.end_auth_asym_id 
_struct_sheet_range.end_auth_seq_id 
AA1 1 VAL A 4 ? GLY A 6 ? VAL A 4 GLY A 6 
AA1 2 VAL B 4 ? GLY B 6 ? VAL B 4 GLY B 6 
# 
_pdbx_struct_sheet_hbond.sheet_id                AA1 
_pdbx_struct_sheet_hbond.range_id_1              1 
_pdbx_struct_sheet_hbond.range_id_2              2 
_pdbx_struct_sheet_hbond.range_1_label_atom_id   N 
_pdbx_struct_sheet_hbond.range_1_label_comp_id   GLY 
_pdbx_struct_sheet_hbond.range_1_label_asym_id   A 
_pdbx_struct_sheet_hbond.range_1_label_seq_id    6 
_pdbx_struct_sheet_hbond.range_1_PDB_ins_code    ? 
_pdbx_struct_sheet_hbond.range_1_auth_atom_id    N 
_pdbx_struct_sheet_hbond.range_1_auth_comp_id    GLY 
_pdbx_struct_sheet_hbond.range_1_auth_asym_id    A 
_pdbx_struct_sheet_hbond.range_1_auth_seq_id     6 
_pdbx_struct_sheet_hbond.range_2_label_atom_id   O 
_pdbx_struct_sheet_hbond.range_2_label_comp_id   VAL 
_pdbx_struct_sheet_hbond.range_2_label_asym_id   B 
_pdbx_struct_sheet_hbond.range_2_label_seq_id    4 
_pdbx_struct_sheet_hbond.range_2_PDB_ins_code    ? 
_pdbx_struct_sheet_hbond.range_2_auth_atom_id    O 
_pdbx_struct_sheet_hbond.range_2_auth_comp_id    VAL 
_pdbx_struct_sheet_hbond.range_2_auth_asym_id    B 
_pdbx_struct_sheet_hbond.range_2_auth_seq_id     4 
# 
_struct_site.id                   AC1 
_struct_site.pdbx_evidence_code   Software 
_struct_site.pdbx_auth_asym_id    A 
_struct_site.pdbx_auth_comp_id    ORA 
_struct_site.pdbx_auth_seq_id     101 
_struct_site.pdbx_auth_ins_code   ? 
_struct_site.pdbx_num_residues    11 
_struct_site.details              'binding site for residue ORA A 101' 
# 
loop_
_struct_site_gen.id 
_struct_site_gen.site_id 
_struct_site_gen.pdbx_num_res 
_struct_site_gen.label_comp_id 
_struct_site_gen.label_asym_id 
_struct_site_gen.label_seq_id 
_struct_site_gen.pdbx_auth_ins_code 
_struct_site_gen.auth_comp_id 
_struct_site_gen.auth_asym_id 
_struct_site_gen.auth_seq_id 
_struct_site_gen.label_atom_id 
_struct_site_gen.label_alt_id 
_struct_site_gen.symmetry 
_struct_site_gen.details 
1  AC1 11 LYS A 3 ? LYS A 3   . ? 1_555 ? 
2  AC1 11 VAL A 4 ? VAL A 4   . ? 1_555 ? 
3  AC1 11 TRP A 5 ? TRP A 5   . ? 2_555 ? 
4  AC1 11 TRP A 5 ? TRP A 5   . ? 1_555 ? 
5  AC1 11 LYS A 9 ? LYS A 9   . ? 3_455 ? 
6  AC1 11 HOH D . ? HOH A 201 . ? 1_555 ? 
7  AC1 11 HOH D . ? HOH A 203 . ? 1_555 ? 
8  AC1 11 LYS B 3 ? LYS B 3   . ? 2_565 ? 
9  AC1 11 TRP B 5 ? TRP B 5   . ? 1_555 ? 
10 AC1 11 TRP B 5 ? TRP B 5   . ? 1_565 ? 
11 AC1 11 GLY B 6 ? GLY B 6   . ? 1_555 ? 
# 
_atom_sites.entry_id                    6B79 
_atom_sites.fract_transf_matrix[1][1]   0.01487234 
_atom_sites.fract_transf_matrix[1][2]   0.01233203 
_atom_sites.fract_transf_matrix[1][3]   0.01069691 
_atom_sites.fract_transf_matrix[2][1]   0.05286747 
_atom_sites.fract_transf_matrix[2][2]   -0.00519148 
_atom_sites.fract_transf_matrix[2][3]   -0.06751873 
_atom_sites.fract_transf_matrix[3][1]   0.00231087 
_atom_sites.fract_transf_matrix[3][2]   0.02788942 
_atom_sites.fract_transf_matrix[3][3]   -0.00033498 
_atom_sites.fract_transf_vector[1]      0.190547 
_atom_sites.fract_transf_vector[2]      0.282831 
_atom_sites.fract_transf_vector[3]      0.276554 
# 
loop_
_atom_type.symbol 
BR 
C  
N  
O  
S  
# 
loop_
_atom_site.group_PDB 
_atom_site.id 
_atom_site.type_symbol 
_atom_site.label_atom_id 
_atom_site.label_alt_id 
_atom_site.label_comp_id 
_atom_site.label_asym_id 
_atom_site.label_entity_id 
_atom_site.label_seq_id 
_atom_site.pdbx_PDB_ins_code 
_atom_site.Cartn_x 
_atom_site.Cartn_y 
_atom_site.Cartn_z 
_atom_site.occupancy 
_atom_site.B_iso_or_equiv 
_atom_site.pdbx_formal_charge 
_atom_site.auth_seq_id 
_atom_site.auth_comp_id 
_atom_site.auth_asym_id 
_atom_site.auth_atom_id 
_atom_site.pdbx_PDB_model_num 
ATOM   1   N  N   . LYS A 1 1  ? -0.098 3.462   -13.515 1.00 26.95 ? 1   LYS A N   1 
ATOM   2   C  CA  . LYS A 1 1  ? -0.759 2.903   -12.338 1.00 26.37 ? 1   LYS A CA  1 
ATOM   3   C  C   . LYS A 1 1  ? 0.007  1.680   -11.822 1.00 25.53 ? 1   LYS A C   1 
ATOM   4   O  O   . LYS A 1 1  ? 0.621  0.942   -12.604 1.00 22.98 ? 1   LYS A O   1 
ATOM   5   C  CB  . LYS A 1 1  ? -2.214 2.528   -12.650 1.00 30.45 ? 1   LYS A CB  1 
ATOM   6   C  CG  . LYS A 1 1  ? -3.134 2.552   -11.423 1.00 55.09 ? 1   LYS A CG  1 
ATOM   7   C  CD  . LYS A 1 1  ? -4.474 1.862   -11.675 1.00 66.14 ? 1   LYS A CD  1 
ATOM   8   C  CE  . LYS A 1 1  ? -4.465 0.401   -11.285 1.00 76.16 ? 1   LYS A CE  1 
ATOM   9   N  NZ  . LYS A 1 1  ? -5.793 -0.232  -11.494 1.00 85.89 ? 1   LYS A NZ  1 
HETATM 10  C  C   . A8E A 1 2  ? -0.222 -0.250  -8.779  1.00 20.20 ? 2   A8E A C   1 
HETATM 11  N  N   . A8E A 1 2  ? -0.018 1.496   -10.493 1.00 19.81 ? 2   A8E A N   1 
HETATM 12  O  OXT . A8E A 1 2  ? -0.799 0.448   -7.946  1.00 20.22 ? 2   A8E A OXT 1 
HETATM 13  BR BR  . A8E A 1 2  ? 4.124  0.280   -10.817 0.65 28.22 ? 2   A8E A BR  1 
HETATM 14  C  CA  . A8E A 1 2  ? 0.671  0.413   -9.814  1.00 19.05 ? 2   A8E A CA  1 
HETATM 15  C  CB  . A8E A 1 2  ? 1.877  0.963   -9.040  1.00 21.62 ? 2   A8E A CB  1 
HETATM 16  C  CG  . A8E A 1 2  ? 2.936  1.538   -9.972  1.00 26.01 ? 2   A8E A CG  1 
HETATM 17  C  CD1 . A8E A 1 2  ? 3.022  2.857   -10.208 1.00 26.63 ? 2   A8E A CD1 1 
ATOM   18  N  N   . LYS A 1 3  ? -0.301 -1.596  -8.798  1.00 15.32 ? 3   LYS A N   1 
ATOM   19  C  CA  . LYS A 1 3  ? -1.004 -2.374  -7.772  1.00 15.63 ? 3   LYS A CA  1 
ATOM   20  C  C   . LYS A 1 3  ? 0.000  -2.427  -6.610  1.00 21.21 ? 3   LYS A C   1 
ATOM   21  O  O   . LYS A 1 3  ? 1.194  -2.643  -6.856  1.00 21.84 ? 3   LYS A O   1 
ATOM   22  C  CB  . LYS A 1 3  ? -1.327 -3.813  -8.257  1.00 18.37 ? 3   LYS A CB  1 
ATOM   23  C  CG  . LYS A 1 3  ? -2.304 -3.939  -9.438  1.00 29.61 ? 3   LYS A CG  1 
ATOM   24  C  CD  . LYS A 1 3  ? -3.665 -3.265  -9.237  1.00 37.23 ? 3   LYS A CD  1 
ATOM   25  C  CE  . LYS A 1 3  ? -4.538 -3.328  -10.473 1.00 47.97 ? 3   LYS A CE  1 
ATOM   26  N  NZ  . LYS A 1 3  ? -4.891 -4.727  -10.845 1.00 55.83 ? 3   LYS A NZ  1 
ATOM   27  N  N   . VAL A 1 4  ? -0.448 -2.152  -5.373  1.00 17.83 ? 4   VAL A N   1 
ATOM   28  C  CA  . VAL A 1 4  ? 0.439  -2.092  -4.194  1.00 17.97 ? 4   VAL A CA  1 
ATOM   29  C  C   . VAL A 1 4  ? -0.146 -2.877  -3.018  1.00 23.20 ? 4   VAL A C   1 
ATOM   30  O  O   . VAL A 1 4  ? -1.334 -2.749  -2.719  1.00 21.66 ? 4   VAL A O   1 
ATOM   31  C  CB  . VAL A 1 4  ? 0.738  -0.599  -3.814  1.00 22.43 ? 4   VAL A CB  1 
ATOM   32  C  CG1 . VAL A 1 4  ? 1.498  -0.480  -2.487  1.00 22.91 ? 4   VAL A CG1 1 
ATOM   33  C  CG2 . VAL A 1 4  ? 1.518  0.102   -4.917  1.00 22.55 ? 4   VAL A CG2 1 
ATOM   34  N  N   . TRP A 1 5  ? 0.702  -3.666  -2.334  1.00 21.87 ? 5   TRP A N   1 
ATOM   35  C  CA  . TRP A 1 5  ? 0.304  -4.437  -1.161  1.00 22.39 ? 5   TRP A CA  1 
ATOM   36  C  C   . TRP A 1 5  ? 1.465  -4.646  -0.212  1.00 24.09 ? 5   TRP A C   1 
ATOM   37  O  O   . TRP A 1 5  ? 2.610  -4.759  -0.639  1.00 21.68 ? 5   TRP A O   1 
ATOM   38  C  CB  . TRP A 1 5  ? -0.355 -5.772  -1.544  1.00 22.11 ? 5   TRP A CB  1 
ATOM   39  C  CG  . TRP A 1 5  ? 0.543  -6.811  -2.162  1.00 23.72 ? 5   TRP A CG  1 
ATOM   40  C  CD1 . TRP A 1 5  ? 0.878  -8.013  -1.622  1.00 26.79 ? 5   TRP A CD1 1 
ATOM   41  C  CD2 . TRP A 1 5  ? 1.109  -6.793  -3.485  1.00 23.89 ? 5   TRP A CD2 1 
ATOM   42  N  NE1 . TRP A 1 5  ? 1.616  -8.751  -2.520  1.00 26.38 ? 5   TRP A NE1 1 
ATOM   43  C  CE2 . TRP A 1 5  ? 1.783  -8.022  -3.667  1.00 28.04 ? 5   TRP A CE2 1 
ATOM   44  C  CE3 . TRP A 1 5  ? 1.162  -5.837  -4.517  1.00 25.33 ? 5   TRP A CE3 1 
ATOM   45  C  CZ2 . TRP A 1 5  ? 2.473  -8.330  -4.847  1.00 27.68 ? 5   TRP A CZ2 1 
ATOM   46  C  CZ3 . TRP A 1 5  ? 1.849  -6.142  -5.686  1.00 26.61 ? 5   TRP A CZ3 1 
ATOM   47  C  CH2 . TRP A 1 5  ? 2.494  -7.375  -5.842  1.00 27.48 ? 5   TRP A CH2 1 
ATOM   48  N  N   . GLY A 1 6  ? 1.156  -4.699  1.068   1.00 21.94 ? 6   GLY A N   1 
ATOM   49  C  CA  . GLY A 1 6  ? 2.166  -4.896  2.098   1.00 22.03 ? 6   GLY A CA  1 
ATOM   50  C  C   . GLY A 1 6  ? 1.707  -4.408  3.447   1.00 24.64 ? 6   GLY A C   1 
ATOM   51  O  O   . GLY A 1 6  ? 0.506  -4.319  3.700   1.00 21.93 ? 6   GLY A O   1 
ATOM   52  N  N   . SER A 1 7  ? 2.671  -4.104  4.316   1.00 22.59 ? 7   SER A N   1 
ATOM   53  C  CA  . SER A 1 7  ? 2.398  -3.660  5.666   1.00 24.17 ? 7   SER A CA  1 
ATOM   54  C  C   . SER A 1 7  ? 3.079  -2.349  6.011   1.00 30.23 ? 7   SER A C   1 
ATOM   55  O  O   . SER A 1 7  ? 4.125  -1.999  5.448   1.00 29.76 ? 7   SER A O   1 
ATOM   56  C  CB  . SER A 1 7  ? 2.774  -4.745  6.669   1.00 29.42 ? 7   SER A CB  1 
ATOM   57  O  OG  . SER A 1 7  ? 4.141  -5.098  6.548   1.00 40.37 ? 7   SER A OG  1 
ATOM   58  N  N   . ILE A 1 8  ? 2.444  -1.613  6.914   1.00 27.97 ? 8   ILE A N   1 
ATOM   59  C  CA  . ILE A 1 8  ? 2.913  -0.347  7.461   1.00 28.94 ? 8   ILE A CA  1 
ATOM   60  C  C   . ILE A 1 8  ? 2.796  -0.461  8.981   1.00 33.40 ? 8   ILE A C   1 
ATOM   61  O  O   . ILE A 1 8  ? 1.757  -0.903  9.473   1.00 32.05 ? 8   ILE A O   1 
ATOM   62  C  CB  . ILE A 1 8  ? 2.192  0.895   6.858   1.00 32.42 ? 8   ILE A CB  1 
ATOM   63  C  CG1 . ILE A 1 8  ? 0.653  0.703   6.791   1.00 32.90 ? 8   ILE A CG1 1 
ATOM   64  C  CG2 . ILE A 1 8  ? 2.776  1.221   5.478   1.00 33.47 ? 8   ILE A CG2 1 
ATOM   65  C  CD1 . ILE A 1 8  ? -0.194 1.980   6.597   1.00 36.52 ? 8   ILE A CD1 1 
ATOM   66  N  N   . LYS A 1 9  ? 3.891  -0.150  9.712   1.00 31.27 ? 9   LYS A N   1 
ATOM   67  C  CA  . LYS A 1 9  ? 3.974  -0.248  11.172  1.00 31.62 ? 9   LYS A CA  1 
ATOM   68  C  C   . LYS A 1 9  ? 2.939  0.588   11.934  1.00 35.80 ? 9   LYS A C   1 
ATOM   69  O  O   . LYS A 1 9  ? 2.387  0.103   12.923  1.00 36.16 ? 9   LYS A O   1 
ATOM   70  C  CB  . LYS A 1 9  ? 5.394  0.070   11.656  1.00 34.59 ? 9   LYS A CB  1 
ATOM   71  C  CG  . LYS A 1 9  ? 6.302  -1.151  11.737  1.00 50.81 ? 9   LYS A CG  1 
ATOM   72  C  CD  . LYS A 1 9  ? 7.720  -0.758  12.159  1.00 61.49 ? 9   LYS A CD  1 
ATOM   73  C  CE  . LYS A 1 9  ? 8.466  -1.858  12.883  1.00 73.41 ? 9   LYS A CE  1 
ATOM   74  N  NZ  . LYS A 1 9  ? 8.999  -2.891  11.955  1.00 81.39 ? 9   LYS A NZ  1 
ATOM   75  N  N   . ARG A 1 10 ? 2.690  1.834   11.483  1.00 32.12 ? 10  ARG A N   1 
ATOM   76  C  CA  . ARG A 1 10 ? 1.729  2.772   12.089  1.00 31.74 ? 10  ARG A CA  1 
ATOM   77  C  C   . ARG A 1 10 ? 1.253  3.825   11.078  1.00 34.95 ? 10  ARG A C   1 
ATOM   78  O  O   . ARG A 1 10 ? 1.984  4.127   10.128  1.00 34.88 ? 10  ARG A O   1 
ATOM   79  C  CB  . ARG A 1 10 ? 2.326  3.457   13.340  1.00 31.73 ? 10  ARG A CB  1 
ATOM   80  C  CG  . ARG A 1 10 ? 3.588  4.286   13.077  1.00 41.10 ? 10  ARG A CG  1 
ATOM   81  C  CD  . ARG A 1 10 ? 3.977  5.163   14.253  1.00 43.72 ? 10  ARG A CD  1 
ATOM   82  N  NE  . ARG A 1 10 ? 5.217  5.894   13.979  1.00 46.18 ? 10  ARG A NE  1 
ATOM   83  C  CZ  . ARG A 1 10 ? 5.731  6.838   14.764  1.00 57.20 ? 10  ARG A CZ  1 
ATOM   84  N  NH1 . ARG A 1 10 ? 5.118  7.182   15.890  1.00 36.86 ? 10  ARG A NH1 1 
ATOM   85  N  NH2 . ARG A 1 10 ? 6.859  7.447   14.426  1.00 48.35 ? 10  ARG A NH2 1 
ATOM   86  N  N   . LEU A 1 11 ? 0.048  4.402   11.294  1.00 30.60 ? 11  LEU A N   1 
ATOM   87  C  CA  . LEU A 1 11 ? -0.490 5.461   10.434  1.00 33.18 ? 11  LEU A CA  1 
ATOM   88  C  C   . LEU A 1 11 ? 0.285  6.763   10.650  1.00 33.79 ? 11  LEU A C   1 
ATOM   89  O  O   . LEU A 1 11 ? 0.713  7.380   9.650   1.00 34.95 ? 11  LEU A O   1 
ATOM   90  C  CB  . LEU A 1 11 ? -1.998 5.703   10.671  1.00 33.51 ? 11  LEU A CB  1 
ATOM   91  C  CG  . LEU A 1 11 ? -3.044 4.661   10.205  1.00 38.53 ? 11  LEU A CG  1 
ATOM   92  C  CD1 . LEU A 1 11 ? -2.560 3.788   9.043   1.00 38.80 ? 11  LEU A CD1 1 
ATOM   93  C  CD2 . LEU A 1 11 ? -3.592 3.865   11.371  1.00 40.14 ? 11  LEU A CD2 1 
ATOM   94  O  OXT . LEU A 1 11 ? 0.492  7.148   11.820  1.00 47.17 ? 11  LEU A OXT 1 
ATOM   95  N  N   . LYS B 1 1  ? 0.168  -2.438  13.661  1.00 25.78 ? 1   LYS B N   1 
ATOM   96  C  CA  . LYS B 1 1  ? 0.503  -2.902  12.323  1.00 25.13 ? 1   LYS B CA  1 
ATOM   97  C  C   . LYS B 1 1  ? -0.739 -2.871  11.444  1.00 27.07 ? 1   LYS B C   1 
ATOM   98  O  O   . LYS B 1 1  ? -1.829 -3.252  11.886  1.00 26.63 ? 1   LYS B O   1 
ATOM   99  C  CB  . LYS B 1 1  ? 1.072  -4.320  12.369  1.00 28.83 ? 1   LYS B CB  1 
ATOM   100 C  CG  . LYS B 1 1  ? 2.054  -4.598  11.239  1.00 50.48 ? 1   LYS B CG  1 
ATOM   101 C  CD  . LYS B 1 1  ? 2.097  -6.070  10.861  1.00 63.26 ? 1   LYS B CD  1 
ATOM   102 C  CE  . LYS B 1 1  ? 1.215  -6.380  9.675   1.00 77.10 ? 1   LYS B CE  1 
ATOM   103 N  NZ  . LYS B 1 1  ? 1.858  -7.370  8.773   1.00 88.55 ? 1   LYS B NZ  1 
HETATM 104 C  C   . A8E B 1 2  ? -1.244 -2.927  7.919   1.00 25.13 ? 2   A8E B C   1 
HETATM 105 N  N   . A8E B 1 2  ? -0.572 -2.411  10.204  1.00 22.20 ? 2   A8E B N   1 
HETATM 106 O  OXT . A8E B 1 2  ? -0.108 -2.732  7.479   1.00 23.89 ? 2   A8E B OXT 1 
HETATM 107 BR BR  . A8E B 1 2  ? -4.454 -0.542  10.627  0.65 35.98 ? 2   A8E B BR  1 
HETATM 108 C  CA  . A8E B 1 2  ? -1.665 -2.293  9.234   1.00 22.30 ? 2   A8E B CA  1 
HETATM 109 C  CB  . A8E B 1 2  ? -1.994 -0.820  8.948   1.00 25.79 ? 2   A8E B CB  1 
HETATM 110 C  CG  . A8E B 1 2  ? -2.606 -0.147  10.171  1.00 32.14 ? 2   A8E B CG  1 
HETATM 111 C  CD1 . A8E B 1 2  ? -1.865 0.647   10.938  1.00 33.65 ? 2   A8E B CD1 1 
ATOM   112 N  N   . LYS B 1 3  ? -2.160 -3.678  7.294   1.00 21.14 ? 3   LYS B N   1 
ATOM   113 C  CA  . LYS B 1 3  ? -1.915 -4.293  6.004   1.00 20.63 ? 3   LYS B CA  1 
ATOM   114 C  C   . LYS B 1 3  ? -2.686 -3.488  4.969   1.00 24.11 ? 3   LYS B C   1 
ATOM   115 O  O   . LYS B 1 3  ? -3.743 -2.933  5.272   1.00 24.45 ? 3   LYS B O   1 
ATOM   116 C  CB  . LYS B 1 3  ? -2.285 -5.776  6.003   1.00 23.06 ? 3   LYS B CB  1 
ATOM   117 C  CG  . LYS B 1 3  ? -1.265 -6.661  6.695   1.00 32.82 ? 3   LYS B CG  1 
ATOM   118 C  CD  . LYS B 1 3  ? -1.486 -8.123  6.352   1.00 41.27 ? 3   LYS B CD  1 
ATOM   119 C  CE  . LYS B 1 3  ? -0.479 -9.016  7.033   1.00 57.82 ? 3   LYS B CE  1 
ATOM   120 N  NZ  . LYS B 1 3  ? -0.343 -10.331 6.349   1.00 69.96 ? 3   LYS B NZ  1 
ATOM   121 N  N   . VAL B 1 4  ? -2.107 -3.352  3.786   1.00 19.32 ? 4   VAL B N   1 
ATOM   122 C  CA  . VAL B 1 4  ? -2.630 -2.552  2.689   1.00 19.13 ? 4   VAL B CA  1 
ATOM   123 C  C   . VAL B 1 4  ? -2.732 -3.388  1.408   1.00 20.19 ? 4   VAL B C   1 
ATOM   124 O  O   . VAL B 1 4  ? -1.877 -4.231  1.168   1.00 17.75 ? 4   VAL B O   1 
ATOM   125 C  CB  . VAL B 1 4  ? -1.695 -1.316  2.566   1.00 24.08 ? 4   VAL B CB  1 
ATOM   126 C  CG1 . VAL B 1 4  ? -1.482 -0.849  1.134   1.00 24.07 ? 4   VAL B CG1 1 
ATOM   127 C  CG2 . VAL B 1 4  ? -2.164 -0.188  3.468   1.00 24.18 ? 4   VAL B CG2 1 
ATOM   128 N  N   . TRP B 1 5  ? -3.796 -3.160  0.616   1.00 17.57 ? 5   TRP B N   1 
ATOM   129 C  CA  . TRP B 1 5  ? -4.070 -3.803  -0.665  1.00 18.62 ? 5   TRP B CA  1 
ATOM   130 C  C   . TRP B 1 5  ? -4.832 -2.822  -1.565  1.00 20.55 ? 5   TRP B C   1 
ATOM   131 O  O   . TRP B 1 5  ? -6.007 -2.551  -1.308  1.00 19.01 ? 5   TRP B O   1 
ATOM   132 C  CB  . TRP B 1 5  ? -4.887 -5.086  -0.455  1.00 18.93 ? 5   TRP B CB  1 
ATOM   133 C  CG  . TRP B 1 5  ? -5.407 -5.702  -1.717  1.00 21.02 ? 5   TRP B CG  1 
ATOM   134 C  CD1 . TRP B 1 5  ? -6.607 -5.465  -2.325  1.00 24.32 ? 5   TRP B CD1 1 
ATOM   135 C  CD2 . TRP B 1 5  ? -4.736 -6.670  -2.521  1.00 21.36 ? 5   TRP B CD2 1 
ATOM   136 N  NE1 . TRP B 1 5  ? -6.708 -6.208  -3.478  1.00 24.41 ? 5   TRP B NE1 1 
ATOM   137 C  CE2 . TRP B 1 5  ? -5.568 -6.955  -3.624  1.00 25.90 ? 5   TRP B CE2 1 
ATOM   138 C  CE3 . TRP B 1 5  ? -3.490 -7.307  -2.433  1.00 23.65 ? 5   TRP B CE3 1 
ATOM   139 C  CZ2 . TRP B 1 5  ? -5.232 -7.916  -4.581  1.00 26.09 ? 5   TRP B CZ2 1 
ATOM   140 C  CZ3 . TRP B 1 5  ? -3.138 -8.216  -3.415  1.00 25.99 ? 5   TRP B CZ3 1 
ATOM   141 C  CH2 . TRP B 1 5  ? -4.017 -8.540  -4.452  1.00 26.57 ? 5   TRP B CH2 1 
ATOM   142 N  N   . GLY B 1 6  ? -4.171 -2.312  -2.606  1.00 15.49 ? 6   GLY B N   1 
ATOM   143 C  CA  . GLY B 1 6  ? -4.804 -1.376  -3.532  1.00 14.80 ? 6   GLY B CA  1 
ATOM   144 C  C   . GLY B 1 6  ? -3.950 -0.944  -4.697  1.00 19.46 ? 6   GLY B C   1 
ATOM   145 O  O   . GLY B 1 6  ? -3.187 -1.737  -5.249  1.00 18.77 ? 6   GLY B O   1 
ATOM   146 N  N   . SER B 1 7  ? -4.102 0.315   -5.101  1.00 16.29 ? 7   SER B N   1 
ATOM   147 C  CA  . SER B 1 7  ? -3.354 0.884   -6.209  1.00 16.69 ? 7   SER B CA  1 
ATOM   148 C  C   . SER B 1 7  ? -2.996 2.325   -5.913  1.00 22.16 ? 7   SER B C   1 
ATOM   149 O  O   . SER B 1 7  ? -3.654 2.987   -5.093  1.00 20.91 ? 7   SER B O   1 
ATOM   150 C  CB  . SER B 1 7  ? -4.145 0.782   -7.512  1.00 21.03 ? 7   SER B CB  1 
ATOM   151 O  OG  . SER B 1 7  ? -5.352 1.522   -7.444  1.00 32.76 ? 7   SER B OG  1 
ATOM   152 N  N   . ILE B 1 8  ? -1.930 2.787   -6.574  1.00 20.47 ? 8   ILE B N   1 
ATOM   153 C  CA  . ILE B 1 8  ? -1.394 4.150   -6.551  1.00 20.01 ? 8   ILE B CA  1 
ATOM   154 C  C   . ILE B 1 8  ? -1.243 4.566   -8.012  1.00 22.78 ? 8   ILE B C   1 
ATOM   155 O  O   . ILE B 1 8  ? -1.033 3.704   -8.879  1.00 21.54 ? 8   ILE B O   1 
ATOM   156 C  CB  . ILE B 1 8  ? -0.056 4.297   -5.748  1.00 23.07 ? 8   ILE B CB  1 
ATOM   157 C  CG1 . ILE B 1 8  ? 1.094  3.424   -6.322  1.00 23.14 ? 8   ILE B CG1 1 
ATOM   158 C  CG2 . ILE B 1 8  ? -0.280 4.082   -4.241  1.00 23.96 ? 8   ILE B CG2 1 
ATOM   159 C  CD1 . ILE B 1 8  ? 2.498  3.579   -5.668  1.00 25.73 ? 8   ILE B CD1 1 
ATOM   160 N  N   . LYS B 1 9  ? -1.369 5.868   -8.287  1.00 18.96 ? 9   LYS B N   1 
ATOM   161 C  CA  . LYS B 1 9  ? -1.262 6.367   -9.644  1.00 19.10 ? 9   LYS B CA  1 
ATOM   162 C  C   . LYS B 1 9  ? 0.170  6.505   -10.131 1.00 22.23 ? 9   LYS B C   1 
ATOM   163 O  O   . LYS B 1 9  ? 0.397  6.352   -11.329 1.00 22.27 ? 9   LYS B O   1 
ATOM   164 C  CB  . LYS B 1 9  ? -2.117 7.621   -9.871  1.00 22.18 ? 9   LYS B CB  1 
ATOM   165 C  CG  . LYS B 1 9  ? -3.562 7.252   -10.200 1.00 36.66 ? 9   LYS B CG  1 
ATOM   166 C  CD  . LYS B 1 9  ? -4.516 8.435   -10.133 1.00 49.04 ? 9   LYS B CD  1 
ATOM   167 C  CE  . LYS B 1 9  ? -5.951 8.044   -10.415 1.00 57.29 ? 9   LYS B CE  1 
ATOM   168 N  NZ  . LYS B 1 9  ? -6.173 7.684   -11.845 1.00 63.64 ? 9   LYS B NZ  1 
ATOM   169 N  N   . ARG B 1 10 ? 1.145  6.724   -9.206  1.00 18.90 ? 10  ARG B N   1 
ATOM   170 C  CA  . ARG B 1 10 ? 2.572  6.874   -9.531  1.00 18.82 ? 10  ARG B CA  1 
ATOM   171 C  C   . ARG B 1 10 ? 3.453  6.381   -8.390  1.00 23.54 ? 10  ARG B C   1 
ATOM   172 O  O   . ARG B 1 10 ? 3.065  6.492   -7.223  1.00 23.51 ? 10  ARG B O   1 
ATOM   173 C  CB  . ARG B 1 10 ? 2.936  8.361   -9.821  1.00 17.81 ? 10  ARG B CB  1 
ATOM   174 C  CG  . ARG B 1 10 ? 2.313  9.019   -11.075 1.00 25.81 ? 10  ARG B CG  1 
ATOM   175 C  CD  . ARG B 1 10 ? 2.663  8.356   -12.401 1.00 28.04 ? 10  ARG B CD  1 
ATOM   176 N  NE  . ARG B 1 10 ? 2.120  9.078   -13.560 1.00 22.43 ? 10  ARG B NE  1 
ATOM   177 C  CZ  . ARG B 1 10 ? 0.890  8.925   -14.043 1.00 32.68 ? 10  ARG B CZ  1 
ATOM   178 N  NH1 . ARG B 1 10 ? 0.036  8.096   -13.456 1.00 23.90 ? 10  ARG B NH1 1 
ATOM   179 N  NH2 . ARG B 1 10 ? 0.494  9.620   -15.102 1.00 19.91 ? 10  ARG B NH2 1 
ATOM   180 N  N   . LEU B 1 11 ? 4.662  5.896   -8.726  1.00 20.42 ? 11  LEU B N   1 
ATOM   181 C  CA  . LEU B 1 11 ? 5.676  5.448   -7.760  1.00 23.63 ? 11  LEU B CA  1 
ATOM   182 C  C   . LEU B 1 11 ? 6.333  6.624   -7.011  1.00 29.17 ? 11  LEU B C   1 
ATOM   183 O  O   . LEU B 1 11 ? 6.319  7.759   -7.535  1.00 27.43 ? 11  LEU B O   1 
ATOM   184 C  CB  . LEU B 1 11 ? 6.758  4.609   -8.468  1.00 24.15 ? 11  LEU B CB  1 
ATOM   185 C  CG  . LEU B 1 11 ? 6.360  3.187   -8.883  1.00 29.13 ? 11  LEU B CG  1 
ATOM   186 C  CD1 . LEU B 1 11 ? 7.446  2.536   -9.737  1.00 29.16 ? 11  LEU B CD1 1 
ATOM   187 C  CD2 . LEU B 1 11 ? 6.000  2.323   -7.676  1.00 30.96 ? 11  LEU B CD2 1 
ATOM   188 O  OXT . LEU B 1 11 ? 6.903  6.401   -5.916  1.00 51.25 ? 11  LEU B OXT 1 
HETATM 189 C  C1  . ORA C 2 .  ? -0.026 -10.612 -11.358 0.50 25.39 ? 101 ORA A C1  1 
HETATM 190 N  N1  . ORA C 2 .  ? -1.488 -7.746  -8.738  0.50 24.03 ? 101 ORA A N1  1 
HETATM 191 O  O1  . ORA C 2 .  ? -7.006 -1.939  -6.846  0.50 29.92 ? 101 ORA A O1  1 
HETATM 192 S  S1  . ORA C 2 .  ? -7.585 -3.347  -6.691  0.50 29.21 ? 101 ORA A S1  1 
HETATM 193 C  C2  . ORA C 2 .  ? -1.264 -10.015 -11.620 0.50 25.37 ? 101 ORA A C2  1 
HETATM 194 N  N2  . ORA C 2 .  ? -2.612 -7.885  -8.000  0.50 24.24 ? 101 ORA A N2  1 
HETATM 195 O  O2  . ORA C 2 .  ? -4.232 -7.343  -10.250 0.50 25.99 ? 101 ORA A O2  1 
HETATM 196 S  S2  . ORA C 2 .  ? -5.266 -7.586  -9.160  0.50 26.89 ? 101 ORA A S2  1 
HETATM 197 C  C3  . ORA C 2 .  ? 0.702  -10.247 -10.221 0.50 24.48 ? 101 ORA A C3  1 
HETATM 198 O  O3  . ORA C 2 .  ? -8.639 -3.592  -7.772  0.50 29.78 ? 101 ORA A O3  1 
HETATM 199 C  C4  . ORA C 2 .  ? -3.053 -4.855  -5.212  0.50 20.91 ? 101 ORA A C4  1 
HETATM 200 O  O4  . ORA C 2 .  ? -8.220 -3.489  -5.309  0.50 30.68 ? 101 ORA A O4  1 
HETATM 201 C  C5  . ORA C 2 .  ? -1.769 -9.048  -10.741 0.50 25.68 ? 101 ORA A C5  1 
HETATM 202 O  O5  . ORA C 2 .  ? -5.029 -8.930  -8.471  0.50 23.96 ? 101 ORA A O5  1 
HETATM 203 C  C6  . ORA C 2 .  ? 0.187  -9.282  -9.346  0.50 23.53 ? 101 ORA A C6  1 
HETATM 204 O  O6  . ORA C 2 .  ? -6.670 -7.602  -9.778  0.50 27.80 ? 101 ORA A O6  1 
HETATM 205 C  C7  . ORA C 2 .  ? -1.908 -5.629  -5.251  0.50 20.14 ? 101 ORA A C7  1 
HETATM 206 O  O7  . ORA C 2 .  ? -0.737 -7.460  -6.258  0.50 18.09 ? 101 ORA A O7  1 
HETATM 207 C  C8  . ORA C 2 .  ? -5.197 -4.264  -5.993  0.50 23.13 ? 101 ORA A C8  1 
HETATM 208 C  C9  . ORA C 2 .  ? -6.260 -5.448  -7.807  0.50 24.50 ? 101 ORA A C9  1 
HETATM 209 C  C10 . ORA C 2 .  ? -4.082 -5.081  -6.120  0.50 21.79 ? 101 ORA A C10 1 
HETATM 210 C  C11 . ORA C 2 .  ? -4.028 -6.116  -7.092  0.50 22.70 ? 101 ORA A C11 1 
HETATM 211 C  C12 . ORA C 2 .  ? -1.060 -8.694  -9.583  0.50 24.78 ? 101 ORA A C12 1 
HETATM 212 C  C13 . ORA C 2 .  ? -2.841 -6.894  -7.115  0.50 22.26 ? 101 ORA A C13 1 
HETATM 213 C  C14 . ORA C 2 .  ? -1.808 -6.637  -6.205  0.50 20.57 ? 101 ORA A C14 1 
HETATM 214 C  C15 . ORA C 2 .  ? -6.287 -4.448  -6.835  0.50 25.39 ? 101 ORA A C15 1 
HETATM 215 C  C16 . ORA C 2 .  ? -5.149 -6.291  -7.942  0.50 24.29 ? 101 ORA A C16 1 
HETATM 216 O  O   . HOH D 3 .  ? -8.050 -2.214  -3.040  1.00 34.03 ? 201 HOH A O   1 
HETATM 217 O  O   . HOH D 3 .  ? 2.778  6.122   8.427   1.00 43.82 ? 202 HOH A O   1 
HETATM 218 O  O   . HOH D 3 .  ? -7.727 0.499   -5.834  1.00 42.29 ? 203 HOH A O   1 
HETATM 219 O  O   . HOH D 3 .  ? 6.325  -0.444  4.881   1.00 42.36 ? 204 HOH A O   1 
HETATM 220 O  O   . HOH D 3 .  ? -1.324 3.120   13.850  1.00 25.07 ? 205 HOH A O   1 
HETATM 221 O  O   . HOH D 3 .  ? 4.548  -7.085  0.654   1.00 35.57 ? 206 HOH A O   1 
HETATM 222 O  O   . HOH D 3 .  ? 6.155  1.405   7.775   1.00 38.48 ? 207 HOH A O   1 
HETATM 223 O  O   . HOH D 3 .  ? -7.683 -10.285 -6.697  1.00 43.13 ? 208 HOH A O   1 
HETATM 224 O  O   . HOH E 3 .  ? -3.999 5.400   -3.946  1.00 33.32 ? 101 HOH B O   1 
HETATM 225 O  O   . HOH E 3 .  ? 7.583  4.000   -4.689  1.00 30.33 ? 102 HOH B O   1 
HETATM 226 O  O   . HOH E 3 .  ? 7.433  8.793   -4.551  1.00 27.88 ? 103 HOH B O   1 
HETATM 227 O  O   . HOH E 3 .  ? -6.568 10.276  -12.920 1.00 38.82 ? 104 HOH B O   1 
HETATM 228 O  O   . HOH E 3 .  ? 3.002  9.156   -6.204  1.00 28.26 ? 105 HOH B O   1 
HETATM 229 O  O   . HOH E 3 .  ? -9.041 -6.539  -5.199  1.00 36.30 ? 106 HOH B O   1 
HETATM 230 O  O   . HOH E 3 .  ? -4.518 4.509   -7.993  1.00 26.04 ? 107 HOH B O   1 
HETATM 231 O  O   . HOH E 3 .  ? 1.394  10.884  -18.830 1.00 46.58 ? 108 HOH B O   1 
# 
loop_
_pdbx_poly_seq_scheme.asym_id 
_pdbx_poly_seq_scheme.entity_id 
_pdbx_poly_seq_scheme.seq_id 
_pdbx_poly_seq_scheme.mon_id 
_pdbx_poly_seq_scheme.ndb_seq_num 
_pdbx_poly_seq_scheme.pdb_seq_num 
_pdbx_poly_seq_scheme.auth_seq_num 
_pdbx_poly_seq_scheme.pdb_mon_id 
_pdbx_poly_seq_scheme.auth_mon_id 
_pdbx_poly_seq_scheme.pdb_strand_id 
_pdbx_poly_seq_scheme.pdb_ins_code 
_pdbx_poly_seq_scheme.hetero 
A 1 1  LYS 1  1  1  LYS LYS A . n 
A 1 2  A8E 2  2  2  A8E A8E A . n 
A 1 3  LYS 3  3  3  LYS LYS A . n 
A 1 4  VAL 4  4  4  VAL VAL A . n 
A 1 5  TRP 5  5  5  TRP TRP A . n 
A 1 6  GLY 6  6  6  GLY GLY A . n 
A 1 7  SER 7  7  7  SER SER A . n 
A 1 8  ILE 8  8  8  ILE ILE A . n 
A 1 9  LYS 9  9  9  LYS LYS A . n 
A 1 10 ARG 10 10 10 ARG ARG A . n 
A 1 11 LEU 11 11 11 LEU LEU A . n 
B 1 1  LYS 1  1  1  LYS LYS B . n 
B 1 2  A8E 2  2  2  A8E A8E B . n 
B 1 3  LYS 3  3  3  LYS LYS B . n 
B 1 4  VAL 4  4  4  VAL VAL B . n 
B 1 5  TRP 5  5  5  TRP TRP B . n 
B 1 6  GLY 6  6  6  GLY GLY B . n 
B 1 7  SER 7  7  7  SER SER B . n 
B 1 8  ILE 8  8  8  ILE ILE B . n 
B 1 9  LYS 9  9  9  LYS LYS B . n 
B 1 10 ARG 10 10 10 ARG ARG B . n 
B 1 11 LEU 11 11 11 LEU LEU B . n 
# 
loop_
_pdbx_nonpoly_scheme.asym_id 
_pdbx_nonpoly_scheme.entity_id 
_pdbx_nonpoly_scheme.mon_id 
_pdbx_nonpoly_scheme.ndb_seq_num 
_pdbx_nonpoly_scheme.pdb_seq_num 
_pdbx_nonpoly_scheme.auth_seq_num 
_pdbx_nonpoly_scheme.pdb_mon_id 
_pdbx_nonpoly_scheme.auth_mon_id 
_pdbx_nonpoly_scheme.pdb_strand_id 
_pdbx_nonpoly_scheme.pdb_ins_code 
C 2 ORA 1 101 1  ORA ORA A . 
D 3 HOH 1 201 9  HOH HOH A . 
D 3 HOH 2 202 11 HOH HOH A . 
D 3 HOH 3 203 17 HOH HOH A . 
D 3 HOH 4 204 8  HOH HOH A . 
D 3 HOH 5 205 7  HOH HOH A . 
D 3 HOH 6 206 4  HOH HOH A . 
D 3 HOH 7 207 16 HOH HOH A . 
D 3 HOH 8 208 15 HOH HOH A . 
E 3 HOH 1 101 5  HOH HOH B . 
E 3 HOH 2 102 14 HOH HOH B . 
E 3 HOH 3 103 3  HOH HOH B . 
E 3 HOH 4 104 12 HOH HOH B . 
E 3 HOH 5 105 6  HOH HOH B . 
E 3 HOH 6 106 10 HOH HOH B . 
E 3 HOH 7 107 2  HOH HOH B . 
E 3 HOH 8 108 13 HOH HOH B . 
# 
loop_
_pdbx_struct_mod_residue.id 
_pdbx_struct_mod_residue.label_asym_id 
_pdbx_struct_mod_residue.label_comp_id 
_pdbx_struct_mod_residue.label_seq_id 
_pdbx_struct_mod_residue.auth_asym_id 
_pdbx_struct_mod_residue.auth_comp_id 
_pdbx_struct_mod_residue.auth_seq_id 
_pdbx_struct_mod_residue.PDB_ins_code 
_pdbx_struct_mod_residue.parent_comp_id 
_pdbx_struct_mod_residue.details 
1 A A8E 2 A A8E 2 ? VAL 'modified residue' 
2 B A8E 2 B A8E 2 ? VAL 'modified residue' 
# 
_pdbx_struct_assembly.id                   1 
_pdbx_struct_assembly.details              author_defined_assembly 
_pdbx_struct_assembly.method_details       ? 
_pdbx_struct_assembly.oligomeric_details   octameric 
_pdbx_struct_assembly.oligomeric_count     8 
# 
_pdbx_struct_assembly_gen.assembly_id       1 
_pdbx_struct_assembly_gen.oper_expression   1,2,3,4 
_pdbx_struct_assembly_gen.asym_id_list      A,B,C,D,E 
# 
loop_
_pdbx_struct_oper_list.id 
_pdbx_struct_oper_list.type 
_pdbx_struct_oper_list.name 
_pdbx_struct_oper_list.symmetry_operation 
_pdbx_struct_oper_list.matrix[1][1] 
_pdbx_struct_oper_list.matrix[1][2] 
_pdbx_struct_oper_list.matrix[1][3] 
_pdbx_struct_oper_list.vector[1] 
_pdbx_struct_oper_list.matrix[2][1] 
_pdbx_struct_oper_list.matrix[2][2] 
_pdbx_struct_oper_list.matrix[2][3] 
_pdbx_struct_oper_list.vector[2] 
_pdbx_struct_oper_list.matrix[3][1] 
_pdbx_struct_oper_list.matrix[3][2] 
_pdbx_struct_oper_list.matrix[3][3] 
_pdbx_struct_oper_list.vector[3] 
1 'identity operation'         1_555 x,y,z     1.0000000000  0.0000000000  0.0000000000  0.0000000000  0.0000000000  1.0000000000  0.0000000000 0.0000000000   0.0000000000  0.0000000000 1.0000000000 0.0000000000   
2 'crystal symmetry operation' 1_565 x,y+1,z   1.0000000000  0.0000000000  0.0000000000  7.1629634531  0.0000000000  1.0000000000  0.0000000000 -0.7033893573  0.0000000000  0.0000000000 1.0000000000 -9.1480488620  
3 'crystal symmetry operation' 2_555 -x,y,-z   -0.2426275459 -0.0743725313 -0.9672644936 -6.8313461887 -0.0743725313 -0.9926967592 0.0949835295 -19.3125225648 -0.9672644936 0.0949835295 0.2353243051 -3.8640436648  
4 'crystal symmetry operation' 2_565 -x,y+1,-z -0.2426275459 -0.0743725313 -0.9672644936 0.3316172645  -0.0743725313 -0.9926967592 0.0949835295 -20.0159119221 -0.9672644936 0.0949835295 0.2353243051 -13.0120925267 
# 
loop_
_pdbx_audit_revision_history.ordinal 
_pdbx_audit_revision_history.data_content_type 
_pdbx_audit_revision_history.major_revision 
_pdbx_audit_revision_history.minor_revision 
_pdbx_audit_revision_history.revision_date 
1 'Structure model' 1 0 2018-05-30 
2 'Structure model' 1 1 2018-07-18 
3 'Structure model' 1 2 2019-11-20 
4 'Structure model' 1 3 2020-01-15 
5 'Structure model' 1 4 2023-10-04 
6 'Structure model' 1 5 2023-11-15 
# 
_pdbx_audit_revision_details.ordinal             1 
_pdbx_audit_revision_details.revision_ordinal    1 
_pdbx_audit_revision_details.data_content_type   'Structure model' 
_pdbx_audit_revision_details.provider            repository 
_pdbx_audit_revision_details.type                'Initial release' 
_pdbx_audit_revision_details.description         ? 
_pdbx_audit_revision_details.details             ? 
# 
loop_
_pdbx_audit_revision_group.ordinal 
_pdbx_audit_revision_group.revision_ordinal 
_pdbx_audit_revision_group.data_content_type 
_pdbx_audit_revision_group.group 
1 2 'Structure model' 'Data collection'            
2 2 'Structure model' 'Database references'        
3 3 'Structure model' 'Author supporting evidence' 
4 4 'Structure model' 'Data collection'            
5 5 'Structure model' 'Data collection'            
6 5 'Structure model' 'Database references'        
7 5 'Structure model' 'Refinement description'     
8 6 'Structure model' 'Data collection'            
9 6 'Structure model' 'Derived calculations'       
# 
loop_
_pdbx_audit_revision_category.ordinal 
_pdbx_audit_revision_category.revision_ordinal 
_pdbx_audit_revision_category.data_content_type 
_pdbx_audit_revision_category.category 
1  2 'Structure model' citation                      
2  3 'Structure model' pdbx_audit_support            
3  4 'Structure model' reflns_shell                  
4  5 'Structure model' chem_comp_atom                
5  5 'Structure model' chem_comp_bond                
6  5 'Structure model' database_2                    
7  5 'Structure model' pdbx_initial_refinement_model 
8  6 'Structure model' chem_comp_atom                
9  6 'Structure model' chem_comp_bond                
10 6 'Structure model' struct_conn                   
# 
loop_
_pdbx_audit_revision_item.ordinal 
_pdbx_audit_revision_item.revision_ordinal 
_pdbx_audit_revision_item.data_content_type 
_pdbx_audit_revision_item.item 
1  2 'Structure model' '_citation.journal_volume'                 
2  2 'Structure model' '_citation.page_first'                     
3  2 'Structure model' '_citation.page_last'                      
4  3 'Structure model' '_pdbx_audit_support.funding_organization' 
5  4 'Structure model' '_reflns_shell.percent_possible_all'       
6  5 'Structure model' '_database_2.pdbx_DOI'                     
7  5 'Structure model' '_database_2.pdbx_database_accession'      
8  6 'Structure model' '_chem_comp_atom.atom_id'                  
9  6 'Structure model' '_chem_comp_bond.atom_id_2'                
10 6 'Structure model' '_struct_conn.pdbx_leaving_atom_flag'      
# 
_phasing.method   MR 
# 
loop_
_software.citation_id 
_software.classification 
_software.compiler_name 
_software.compiler_version 
_software.contact_author 
_software.contact_author_email 
_software.date 
_software.description 
_software.dependencies 
_software.hardware 
_software.language 
_software.location 
_software.mods 
_software.name 
_software.os 
_software.os_version 
_software.type 
_software.version 
_software.pdbx_ordinal 
? 'data scaling'    ? ? ? ? ? ? ? ? ? ? ? XSCALE      ? ? ? .      1 
? phasing           ? ? ? ? ? ? ? ? ? ? ? PHASER      ? ? ? .      2 
? refinement        ? ? ? ? ? ? ? ? ? ? ? BUSTER      ? ? ? 2.10.0 3 
? 'data extraction' ? ? ? ? ? ? ? ? ? ? ? PDB_EXTRACT ? ? ? 3.22   4 
? 'data reduction'  ? ? ? ? ? ? ? ? ? ? ? XDS         ? ? ? .      5 
# 
loop_
_chem_comp_atom.comp_id 
_chem_comp_atom.atom_id 
_chem_comp_atom.type_symbol 
_chem_comp_atom.pdbx_aromatic_flag 
_chem_comp_atom.pdbx_stereo_config 
_chem_comp_atom.pdbx_ordinal 
A8E O    O  N N 1   
A8E C    C  N N 2   
A8E N    N  N N 3   
A8E OXT  O  N N 4   
A8E BR   BR N N 5   
A8E CA   C  N S 6   
A8E CB   C  N N 7   
A8E CG   C  N N 8   
A8E CD1  C  N N 9   
A8E H    H  N N 10  
A8E H2   H  N N 11  
A8E HXT  H  N N 12  
A8E HA   H  N N 13  
A8E HB   H  N N 14  
A8E HBA  H  N N 15  
A8E HD1  H  N N 16  
A8E HD1A H  N N 17  
ARG N    N  N N 18  
ARG CA   C  N S 19  
ARG C    C  N N 20  
ARG O    O  N N 21  
ARG CB   C  N N 22  
ARG CG   C  N N 23  
ARG CD   C  N N 24  
ARG NE   N  N N 25  
ARG CZ   C  N N 26  
ARG NH1  N  N N 27  
ARG NH2  N  N N 28  
ARG OXT  O  N N 29  
ARG H    H  N N 30  
ARG H2   H  N N 31  
ARG HA   H  N N 32  
ARG HB2  H  N N 33  
ARG HB3  H  N N 34  
ARG HG2  H  N N 35  
ARG HG3  H  N N 36  
ARG HD2  H  N N 37  
ARG HD3  H  N N 38  
ARG HE   H  N N 39  
ARG HH11 H  N N 40  
ARG HH12 H  N N 41  
ARG HH21 H  N N 42  
ARG HH22 H  N N 43  
ARG HXT  H  N N 44  
GLY N    N  N N 45  
GLY CA   C  N N 46  
GLY C    C  N N 47  
GLY O    O  N N 48  
GLY OXT  O  N N 49  
GLY H    H  N N 50  
GLY H2   H  N N 51  
GLY HA2  H  N N 52  
GLY HA3  H  N N 53  
GLY HXT  H  N N 54  
HOH O    O  N N 55  
HOH H1   H  N N 56  
HOH H2   H  N N 57  
ILE N    N  N N 58  
ILE CA   C  N S 59  
ILE C    C  N N 60  
ILE O    O  N N 61  
ILE CB   C  N S 62  
ILE CG1  C  N N 63  
ILE CG2  C  N N 64  
ILE CD1  C  N N 65  
ILE OXT  O  N N 66  
ILE H    H  N N 67  
ILE H2   H  N N 68  
ILE HA   H  N N 69  
ILE HB   H  N N 70  
ILE HG12 H  N N 71  
ILE HG13 H  N N 72  
ILE HG21 H  N N 73  
ILE HG22 H  N N 74  
ILE HG23 H  N N 75  
ILE HD11 H  N N 76  
ILE HD12 H  N N 77  
ILE HD13 H  N N 78  
ILE HXT  H  N N 79  
LEU N    N  N N 80  
LEU CA   C  N S 81  
LEU C    C  N N 82  
LEU O    O  N N 83  
LEU CB   C  N N 84  
LEU CG   C  N N 85  
LEU CD1  C  N N 86  
LEU CD2  C  N N 87  
LEU OXT  O  N N 88  
LEU H    H  N N 89  
LEU H2   H  N N 90  
LEU HA   H  N N 91  
LEU HB2  H  N N 92  
LEU HB3  H  N N 93  
LEU HG   H  N N 94  
LEU HD11 H  N N 95  
LEU HD12 H  N N 96  
LEU HD13 H  N N 97  
LEU HD21 H  N N 98  
LEU HD22 H  N N 99  
LEU HD23 H  N N 100 
LEU HXT  H  N N 101 
LYS N    N  N N 102 
LYS CA   C  N S 103 
LYS C    C  N N 104 
LYS O    O  N N 105 
LYS CB   C  N N 106 
LYS CG   C  N N 107 
LYS CD   C  N N 108 
LYS CE   C  N N 109 
LYS NZ   N  N N 110 
LYS OXT  O  N N 111 
LYS H    H  N N 112 
LYS H2   H  N N 113 
LYS HA   H  N N 114 
LYS HB2  H  N N 115 
LYS HB3  H  N N 116 
LYS HG2  H  N N 117 
LYS HG3  H  N N 118 
LYS HD2  H  N N 119 
LYS HD3  H  N N 120 
LYS HE2  H  N N 121 
LYS HE3  H  N N 122 
LYS HZ1  H  N N 123 
LYS HZ2  H  N N 124 
LYS HZ3  H  N N 125 
LYS HXT  H  N N 126 
ORA C1   C  Y N 127 
ORA N1   N  N N 128 
ORA O1   O  N N 129 
ORA S1   S  N N 130 
ORA C2   C  Y N 131 
ORA N2   N  N N 132 
ORA O2   O  N N 133 
ORA S2   S  N N 134 
ORA C3   C  Y N 135 
ORA O3   O  N N 136 
ORA C4   C  Y N 137 
ORA O4   O  N N 138 
ORA C5   C  Y N 139 
ORA O5   O  N N 140 
ORA C6   C  Y N 141 
ORA O6   O  N N 142 
ORA C7   C  Y N 143 
ORA O7   O  N N 144 
ORA C8   C  Y N 145 
ORA C9   C  Y N 146 
ORA C10  C  Y N 147 
ORA C11  C  Y N 148 
ORA C12  C  Y N 149 
ORA C13  C  Y N 150 
ORA C14  C  Y N 151 
ORA C15  C  Y N 152 
ORA C16  C  Y N 153 
ORA H1   H  N N 154 
ORA H2   H  N N 155 
ORA H3   H  N N 156 
ORA H4   H  N N 157 
ORA H5   H  N N 158 
ORA H6   H  N N 159 
ORA H7   H  N N 160 
ORA HO7  H  N N 161 
ORA H8   H  N N 162 
ORA H9   H  N N 163 
ORA H11  H  N N 164 
ORA H12  H  N N 165 
PRO N    N  N N 166 
PRO CA   C  N S 167 
PRO C    C  N N 168 
PRO O    O  N N 169 
PRO CB   C  N N 170 
PRO CG   C  N N 171 
PRO CD   C  N N 172 
PRO OXT  O  N N 173 
PRO H    H  N N 174 
PRO HA   H  N N 175 
PRO HB2  H  N N 176 
PRO HB3  H  N N 177 
PRO HG2  H  N N 178 
PRO HG3  H  N N 179 
PRO HD2  H  N N 180 
PRO HD3  H  N N 181 
PRO HXT  H  N N 182 
SER N    N  N N 183 
SER CA   C  N S 184 
SER C    C  N N 185 
SER O    O  N N 186 
SER CB   C  N N 187 
SER OG   O  N N 188 
SER OXT  O  N N 189 
SER H    H  N N 190 
SER H2   H  N N 191 
SER HA   H  N N 192 
SER HB2  H  N N 193 
SER HB3  H  N N 194 
SER HG   H  N N 195 
SER HXT  H  N N 196 
TRP N    N  N N 197 
TRP CA   C  N S 198 
TRP C    C  N N 199 
TRP O    O  N N 200 
TRP CB   C  N N 201 
TRP CG   C  Y N 202 
TRP CD1  C  Y N 203 
TRP CD2  C  Y N 204 
TRP NE1  N  Y N 205 
TRP CE2  C  Y N 206 
TRP CE3  C  Y N 207 
TRP CZ2  C  Y N 208 
TRP CZ3  C  Y N 209 
TRP CH2  C  Y N 210 
TRP OXT  O  N N 211 
TRP H    H  N N 212 
TRP H2   H  N N 213 
TRP HA   H  N N 214 
TRP HB2  H  N N 215 
TRP HB3  H  N N 216 
TRP HD1  H  N N 217 
TRP HE1  H  N N 218 
TRP HE3  H  N N 219 
TRP HZ2  H  N N 220 
TRP HZ3  H  N N 221 
TRP HH2  H  N N 222 
TRP HXT  H  N N 223 
VAL N    N  N N 224 
VAL CA   C  N S 225 
VAL C    C  N N 226 
VAL O    O  N N 227 
VAL CB   C  N N 228 
VAL CG1  C  N N 229 
VAL CG2  C  N N 230 
VAL OXT  O  N N 231 
VAL H    H  N N 232 
VAL H2   H  N N 233 
VAL HA   H  N N 234 
VAL HB   H  N N 235 
VAL HG11 H  N N 236 
VAL HG12 H  N N 237 
VAL HG13 H  N N 238 
VAL HG21 H  N N 239 
VAL HG22 H  N N 240 
VAL HG23 H  N N 241 
VAL HXT  H  N N 242 
# 
loop_
_chem_comp_bond.comp_id 
_chem_comp_bond.atom_id_1 
_chem_comp_bond.atom_id_2 
_chem_comp_bond.value_order 
_chem_comp_bond.pdbx_aromatic_flag 
_chem_comp_bond.pdbx_stereo_config 
_chem_comp_bond.pdbx_ordinal 
A8E OXT C    sing N N 1   
A8E CA  C    sing N N 2   
A8E C   O    doub N N 3   
A8E N   CA   sing N N 4   
A8E N   H    sing N N 5   
A8E N   H2   sing N N 6   
A8E OXT HXT  sing N N 7   
A8E CG  BR   sing N N 8   
A8E CA  CB   sing N N 9   
A8E CA  HA   sing N N 10  
A8E CG  CB   sing N N 11  
A8E CB  HB   sing N N 12  
A8E CB  HBA  sing N N 13  
A8E CD1 CG   doub N N 14  
A8E CD1 HD1  sing N N 15  
A8E CD1 HD1A sing N N 16  
ARG N   CA   sing N N 17  
ARG N   H    sing N N 18  
ARG N   H2   sing N N 19  
ARG CA  C    sing N N 20  
ARG CA  CB   sing N N 21  
ARG CA  HA   sing N N 22  
ARG C   O    doub N N 23  
ARG C   OXT  sing N N 24  
ARG CB  CG   sing N N 25  
ARG CB  HB2  sing N N 26  
ARG CB  HB3  sing N N 27  
ARG CG  CD   sing N N 28  
ARG CG  HG2  sing N N 29  
ARG CG  HG3  sing N N 30  
ARG CD  NE   sing N N 31  
ARG CD  HD2  sing N N 32  
ARG CD  HD3  sing N N 33  
ARG NE  CZ   sing N N 34  
ARG NE  HE   sing N N 35  
ARG CZ  NH1  sing N N 36  
ARG CZ  NH2  doub N N 37  
ARG NH1 HH11 sing N N 38  
ARG NH1 HH12 sing N N 39  
ARG NH2 HH21 sing N N 40  
ARG NH2 HH22 sing N N 41  
ARG OXT HXT  sing N N 42  
GLY N   CA   sing N N 43  
GLY N   H    sing N N 44  
GLY N   H2   sing N N 45  
GLY CA  C    sing N N 46  
GLY CA  HA2  sing N N 47  
GLY CA  HA3  sing N N 48  
GLY C   O    doub N N 49  
GLY C   OXT  sing N N 50  
GLY OXT HXT  sing N N 51  
HOH O   H1   sing N N 52  
HOH O   H2   sing N N 53  
ILE N   CA   sing N N 54  
ILE N   H    sing N N 55  
ILE N   H2   sing N N 56  
ILE CA  C    sing N N 57  
ILE CA  CB   sing N N 58  
ILE CA  HA   sing N N 59  
ILE C   O    doub N N 60  
ILE C   OXT  sing N N 61  
ILE CB  CG1  sing N N 62  
ILE CB  CG2  sing N N 63  
ILE CB  HB   sing N N 64  
ILE CG1 CD1  sing N N 65  
ILE CG1 HG12 sing N N 66  
ILE CG1 HG13 sing N N 67  
ILE CG2 HG21 sing N N 68  
ILE CG2 HG22 sing N N 69  
ILE CG2 HG23 sing N N 70  
ILE CD1 HD11 sing N N 71  
ILE CD1 HD12 sing N N 72  
ILE CD1 HD13 sing N N 73  
ILE OXT HXT  sing N N 74  
LEU N   CA   sing N N 75  
LEU N   H    sing N N 76  
LEU N   H2   sing N N 77  
LEU CA  C    sing N N 78  
LEU CA  CB   sing N N 79  
LEU CA  HA   sing N N 80  
LEU C   O    doub N N 81  
LEU C   OXT  sing N N 82  
LEU CB  CG   sing N N 83  
LEU CB  HB2  sing N N 84  
LEU CB  HB3  sing N N 85  
LEU CG  CD1  sing N N 86  
LEU CG  CD2  sing N N 87  
LEU CG  HG   sing N N 88  
LEU CD1 HD11 sing N N 89  
LEU CD1 HD12 sing N N 90  
LEU CD1 HD13 sing N N 91  
LEU CD2 HD21 sing N N 92  
LEU CD2 HD22 sing N N 93  
LEU CD2 HD23 sing N N 94  
LEU OXT HXT  sing N N 95  
LYS N   CA   sing N N 96  
LYS N   H    sing N N 97  
LYS N   H2   sing N N 98  
LYS CA  C    sing N N 99  
LYS CA  CB   sing N N 100 
LYS CA  HA   sing N N 101 
LYS C   O    doub N N 102 
LYS C   OXT  sing N N 103 
LYS CB  CG   sing N N 104 
LYS CB  HB2  sing N N 105 
LYS CB  HB3  sing N N 106 
LYS CG  CD   sing N N 107 
LYS CG  HG2  sing N N 108 
LYS CG  HG3  sing N N 109 
LYS CD  CE   sing N N 110 
LYS CD  HD2  sing N N 111 
LYS CD  HD3  sing N N 112 
LYS CE  NZ   sing N N 113 
LYS CE  HE2  sing N N 114 
LYS CE  HE3  sing N N 115 
LYS NZ  HZ1  sing N N 116 
LYS NZ  HZ2  sing N N 117 
LYS NZ  HZ3  sing N N 118 
LYS OXT HXT  sing N N 119 
ORA C1  C2   doub Y N 120 
ORA C1  C3   sing Y N 121 
ORA C1  H1   sing N N 122 
ORA N1  N2   doub N N 123 
ORA N1  C12  sing N N 124 
ORA O1  S1   sing N N 125 
ORA S1  O3   doub N N 126 
ORA S1  O4   doub N N 127 
ORA S1  C15  sing N N 128 
ORA C2  C5   sing Y N 129 
ORA C2  H2   sing N N 130 
ORA N2  C13  sing N N 131 
ORA O2  S2   sing N N 132 
ORA S2  O5   doub N N 133 
ORA S2  O6   doub N N 134 
ORA S2  C16  sing N N 135 
ORA C3  C6   doub Y N 136 
ORA C3  H3   sing N N 137 
ORA C4  C7   doub Y N 138 
ORA C4  C10  sing Y N 139 
ORA C4  H4   sing N N 140 
ORA C5  C12  doub Y N 141 
ORA C5  H5   sing N N 142 
ORA C6  C12  sing Y N 143 
ORA C6  H6   sing N N 144 
ORA C7  C14  sing Y N 145 
ORA C7  H7   sing N N 146 
ORA O7  C14  sing N N 147 
ORA O7  HO7  sing N N 148 
ORA C8  C10  doub Y N 149 
ORA C8  C15  sing Y N 150 
ORA C8  H8   sing N N 151 
ORA C9  C15  doub Y N 152 
ORA C9  C16  sing Y N 153 
ORA C9  H9   sing N N 154 
ORA C10 C11  sing Y N 155 
ORA C11 C13  sing Y N 156 
ORA C11 C16  doub Y N 157 
ORA C13 C14  doub Y N 158 
ORA O1  H11  sing N N 159 
ORA O2  H12  sing N N 160 
PRO N   CA   sing N N 161 
PRO N   CD   sing N N 162 
PRO N   H    sing N N 163 
PRO CA  C    sing N N 164 
PRO CA  CB   sing N N 165 
PRO CA  HA   sing N N 166 
PRO C   O    doub N N 167 
PRO C   OXT  sing N N 168 
PRO CB  CG   sing N N 169 
PRO CB  HB2  sing N N 170 
PRO CB  HB3  sing N N 171 
PRO CG  CD   sing N N 172 
PRO CG  HG2  sing N N 173 
PRO CG  HG3  sing N N 174 
PRO CD  HD2  sing N N 175 
PRO CD  HD3  sing N N 176 
PRO OXT HXT  sing N N 177 
SER N   CA   sing N N 178 
SER N   H    sing N N 179 
SER N   H2   sing N N 180 
SER CA  C    sing N N 181 
SER CA  CB   sing N N 182 
SER CA  HA   sing N N 183 
SER C   O    doub N N 184 
SER C   OXT  sing N N 185 
SER CB  OG   sing N N 186 
SER CB  HB2  sing N N 187 
SER CB  HB3  sing N N 188 
SER OG  HG   sing N N 189 
SER OXT HXT  sing N N 190 
TRP N   CA   sing N N 191 
TRP N   H    sing N N 192 
TRP N   H2   sing N N 193 
TRP CA  C    sing N N 194 
TRP CA  CB   sing N N 195 
TRP CA  HA   sing N N 196 
TRP C   O    doub N N 197 
TRP C   OXT  sing N N 198 
TRP CB  CG   sing N N 199 
TRP CB  HB2  sing N N 200 
TRP CB  HB3  sing N N 201 
TRP CG  CD1  doub Y N 202 
TRP CG  CD2  sing Y N 203 
TRP CD1 NE1  sing Y N 204 
TRP CD1 HD1  sing N N 205 
TRP CD2 CE2  doub Y N 206 
TRP CD2 CE3  sing Y N 207 
TRP NE1 CE2  sing Y N 208 
TRP NE1 HE1  sing N N 209 
TRP CE2 CZ2  sing Y N 210 
TRP CE3 CZ3  doub Y N 211 
TRP CE3 HE3  sing N N 212 
TRP CZ2 CH2  doub Y N 213 
TRP CZ2 HZ2  sing N N 214 
TRP CZ3 CH2  sing Y N 215 
TRP CZ3 HZ3  sing N N 216 
TRP CH2 HH2  sing N N 217 
TRP OXT HXT  sing N N 218 
VAL N   CA   sing N N 219 
VAL N   H    sing N N 220 
VAL N   H2   sing N N 221 
VAL CA  C    sing N N 222 
VAL CA  CB   sing N N 223 
VAL CA  HA   sing N N 224 
VAL C   O    doub N N 225 
VAL C   OXT  sing N N 226 
VAL CB  CG1  sing N N 227 
VAL CB  CG2  sing N N 228 
VAL CB  HB   sing N N 229 
VAL CG1 HG11 sing N N 230 
VAL CG1 HG12 sing N N 231 
VAL CG1 HG13 sing N N 232 
VAL CG2 HG21 sing N N 233 
VAL CG2 HG22 sing N N 234 
VAL CG2 HG23 sing N N 235 
VAL OXT HXT  sing N N 236 
# 
loop_
_pdbx_audit_support.funding_organization 
_pdbx_audit_support.country 
_pdbx_audit_support.grant_number 
_pdbx_audit_support.ordinal 
'National Institutes of Health/National Institute on Drug Abuse (NIH/NIDA)' 'United States' ag054022 1 
'Howard Hughes Medical Institute (HHMI)'                                    'United States' ?        2 
# 
loop_
_pdbx_entity_nonpoly.entity_id 
_pdbx_entity_nonpoly.name 
_pdbx_entity_nonpoly.comp_id 
2 '7-hydroxy-8-[(E)-phenyldiazenyl]naphthalene-1,3-disulfonic acid' ORA 
3 water                                                             HOH 
# 
_pdbx_initial_refinement_model.id               1 
_pdbx_initial_refinement_model.entity_id_list   ? 
_pdbx_initial_refinement_model.type             'experimental model' 
_pdbx_initial_refinement_model.source_name      PDB 
_pdbx_initial_refinement_model.accession_code   5DLI 
_pdbx_initial_refinement_model.details          ? 
# 
_pdbx_struct_assembly_auth_evidence.id                     1 
_pdbx_struct_assembly_auth_evidence.assembly_id            1 
_pdbx_struct_assembly_auth_evidence.experimental_support   none 
_pdbx_struct_assembly_auth_evidence.details                ? 
# 
